data_7Q9Z
#
_entry.id   7Q9Z
#
_cell.length_a   58.150
_cell.length_b   60.720
_cell.length_c   61.800
_cell.angle_alpha   71.300
_cell.angle_beta   75.940
_cell.angle_gamma   85.730
#
_symmetry.space_group_name_H-M   'P 1'
#
loop_
_entity.id
_entity.type
_entity.pdbx_description
1 polymer 'Probable aminotransferase'
2 non-polymer '(3E)-4-{3-hydroxy-2-methyl-5-[(phosphonooxy)methyl]pyridin-4-yl}-2-oxobut-3-enoic acid'
3 non-polymer 1,2-ETHANEDIOL
4 non-polymer 'CHLORIDE ION'
5 non-polymer 'SODIUM ION'
6 water water
#
_entity_poly.entity_id   1
_entity_poly.type   'polypeptide(L)'
_entity_poly.pdbx_seq_one_letter_code
;MGSSHHHHHHSSGLVPRGSHMASMTGGQQMGRGSMQKQRTTSQWRELDAAHHLHPFTDTASLNQAGARVMTRGEGVYLWD
SEGNKIIDGMAGLWCVNVGYGRKDFAEAARRQMEELPFYNTFFKTTHPAVVELSSLLAEVTPAGFDRVFYTNSGSESVDT
MIRMVRRYWDVQGKPEKKTLIGRWNGYHGSTIGGASLGGMKYMHEQGDLPIPGMAHIEQPWWYKHGKDMTPDEFGVVAAR
WLEEKILEIGADKVAAFVGEPIQGAGGVIVPPATYWPEIERICRKYDVLLVADEVICGFGRTGEWFGHQHFGFQPDLFTA
AKGLSSGYLPIGAVFVGKRVAEGLIAGGDFNHGFTYSGHPVCAAVAHANVAALRDEGIVQRVKDDIGPYMQKRWRETFSR
FEHVDDVRGVGMVQAFTLVKNKAKRELFPDFGEIGTLCRDIFFRNNLIMRACGDHIVSAPPLVMTRAEVDEMLAVAERCL
EEFEQTLKARGLA
;
_entity_poly.pdbx_strand_id   AAA,BBB
#
# COMPACT_ATOMS: atom_id res chain seq x y z
N ALA A 67 13.29 3.42 -30.03
CA ALA A 67 13.65 2.49 -28.91
C ALA A 67 14.11 3.30 -27.70
N ARG A 68 13.60 4.55 -27.59
CA ARG A 68 14.09 5.54 -26.64
C ARG A 68 14.05 4.99 -25.21
N VAL A 69 15.22 4.96 -24.55
CA VAL A 69 15.40 4.35 -23.23
C VAL A 69 16.11 5.37 -22.32
N MET A 70 15.61 5.51 -21.09
CA MET A 70 16.19 6.41 -20.11
C MET A 70 17.54 5.86 -19.65
N THR A 71 18.58 6.71 -19.70
CA THR A 71 19.94 6.39 -19.33
C THR A 71 20.14 6.64 -17.85
N ARG A 72 19.83 7.86 -17.41
CA ARG A 72 20.03 8.31 -16.04
C ARG A 72 19.28 9.62 -15.85
N GLY A 73 19.26 10.09 -14.60
CA GLY A 73 18.71 11.39 -14.24
C GLY A 73 19.64 12.13 -13.29
N GLU A 74 19.60 13.47 -13.34
CA GLU A 74 20.50 14.30 -12.55
CA GLU A 74 20.49 14.31 -12.56
C GLU A 74 19.82 15.66 -12.36
N GLY A 75 19.76 16.10 -11.09
CA GLY A 75 19.12 17.36 -10.73
C GLY A 75 17.66 17.39 -11.17
N VAL A 76 17.38 18.08 -12.28
CA VAL A 76 16.03 18.26 -12.79
C VAL A 76 15.92 17.64 -14.19
N TYR A 77 16.98 16.94 -14.61
CA TYR A 77 17.05 16.47 -15.99
C TYR A 77 17.02 14.95 -16.04
N LEU A 78 16.46 14.42 -17.13
CA LEU A 78 16.60 13.01 -17.48
C LEU A 78 17.23 12.94 -18.87
N TRP A 79 18.09 11.94 -19.08
CA TRP A 79 18.77 11.73 -20.35
C TRP A 79 18.32 10.41 -20.98
N ASP A 80 18.22 10.38 -22.32
CA ASP A 80 17.80 9.20 -23.06
C ASP A 80 19.00 8.50 -23.70
N SER A 81 18.70 7.44 -24.47
CA SER A 81 19.69 6.59 -25.13
C SER A 81 20.25 7.27 -26.37
N GLU A 82 19.46 8.17 -26.96
CA GLU A 82 19.88 8.95 -28.12
C GLU A 82 20.67 10.18 -27.67
N GLY A 83 20.87 10.32 -26.35
CA GLY A 83 21.69 11.38 -25.77
C GLY A 83 20.93 12.68 -25.47
N ASN A 84 19.61 12.69 -25.72
CA ASN A 84 18.79 13.88 -25.53
C ASN A 84 18.54 14.08 -24.04
N LYS A 85 18.40 15.36 -23.65
CA LYS A 85 18.18 15.75 -22.27
C LYS A 85 16.73 16.21 -22.11
N ILE A 86 16.04 15.70 -21.08
CA ILE A 86 14.64 15.98 -20.85
C ILE A 86 14.51 16.70 -19.51
N ILE A 87 13.80 17.84 -19.51
CA ILE A 87 13.50 18.60 -18.31
C ILE A 87 12.29 17.92 -17.64
N ASP A 88 12.45 17.48 -16.39
CA ASP A 88 11.33 16.89 -15.67
C ASP A 88 10.64 17.97 -14.83
N GLY A 89 9.68 18.65 -15.46
CA GLY A 89 8.90 19.68 -14.78
C GLY A 89 7.89 19.09 -13.79
N MET A 90 7.92 17.76 -13.62
CA MET A 90 6.93 17.11 -12.75
C MET A 90 7.59 16.38 -11.58
N ALA A 91 8.92 16.22 -11.60
CA ALA A 91 9.67 15.64 -10.50
C ALA A 91 9.19 14.21 -10.22
N GLY A 92 9.18 13.40 -11.28
CA GLY A 92 8.63 12.05 -11.24
C GLY A 92 7.12 12.11 -11.12
N LEU A 93 6.58 11.55 -10.04
CA LEU A 93 5.16 11.68 -9.75
C LEU A 93 4.97 12.68 -8.61
N TRP A 94 5.35 13.94 -8.87
CA TRP A 94 5.20 15.07 -7.98
C TRP A 94 6.04 14.91 -6.71
N CYS A 95 7.03 14.00 -6.70
CA CYS A 95 7.62 13.56 -5.45
C CYS A 95 9.14 13.67 -5.40
N VAL A 96 9.82 13.81 -6.55
CA VAL A 96 11.27 13.84 -6.53
C VAL A 96 11.73 15.24 -6.12
N ASN A 97 11.63 15.52 -4.82
CA ASN A 97 11.68 16.87 -4.30
C ASN A 97 13.11 17.40 -4.31
N VAL A 98 14.09 16.54 -3.99
CA VAL A 98 15.50 16.90 -3.88
C VAL A 98 16.19 16.67 -5.22
N GLY A 99 15.41 16.38 -6.27
CA GLY A 99 15.94 16.11 -7.60
C GLY A 99 16.70 14.79 -7.66
N TYR A 100 17.07 14.41 -8.88
CA TYR A 100 17.69 13.11 -9.12
C TYR A 100 19.17 13.16 -8.75
N GLY A 101 19.75 11.97 -8.58
CA GLY A 101 21.19 11.78 -8.57
C GLY A 101 21.79 11.71 -7.17
N ARG A 102 20.93 11.54 -6.16
CA ARG A 102 21.39 11.61 -4.78
C ARG A 102 22.08 10.30 -4.41
N LYS A 103 23.36 10.17 -4.81
CA LYS A 103 24.15 8.98 -4.55
C LYS A 103 24.21 8.74 -3.05
N ASP A 104 24.06 9.81 -2.25
CA ASP A 104 24.19 9.67 -0.80
C ASP A 104 23.05 8.81 -0.24
N PHE A 105 21.93 8.75 -0.99
CA PHE A 105 20.73 8.02 -0.58
C PHE A 105 20.95 6.52 -0.79
N ALA A 106 21.50 6.16 -1.96
CA ALA A 106 21.95 4.80 -2.24
C ALA A 106 22.79 4.27 -1.08
N GLU A 107 23.71 5.11 -0.57
CA GLU A 107 24.64 4.74 0.49
C GLU A 107 23.93 4.55 1.84
N ALA A 108 22.92 5.38 2.11
CA ALA A 108 22.17 5.27 3.35
C ALA A 108 21.36 3.97 3.31
N ALA A 109 20.88 3.63 2.10
CA ALA A 109 20.19 2.38 1.84
C ALA A 109 21.14 1.20 2.07
N ARG A 110 22.28 1.21 1.34
CA ARG A 110 23.26 0.14 1.41
C ARG A 110 23.61 -0.12 2.88
N ARG A 111 23.94 0.95 3.61
CA ARG A 111 24.37 0.82 4.98
C ARG A 111 23.29 0.14 5.83
N GLN A 112 22.03 0.57 5.65
CA GLN A 112 20.92 0.11 6.50
C GLN A 112 20.58 -1.36 6.20
N MET A 113 20.60 -1.72 4.92
CA MET A 113 20.34 -3.08 4.49
C MET A 113 21.41 -4.03 5.04
N GLU A 114 22.67 -3.57 5.04
CA GLU A 114 23.82 -4.32 5.51
C GLU A 114 23.75 -4.58 7.00
N GLU A 115 23.45 -3.52 7.77
CA GLU A 115 23.59 -3.54 9.22
C GLU A 115 22.38 -4.18 9.90
N LEU A 116 21.17 -3.71 9.56
CA LEU A 116 19.96 -4.07 10.29
C LEU A 116 18.73 -3.73 9.44
N PRO A 117 18.43 -4.53 8.39
CA PRO A 117 17.30 -4.26 7.49
C PRO A 117 15.94 -4.60 8.07
N PHE A 118 15.93 -5.23 9.26
CA PHE A 118 14.70 -5.67 9.91
C PHE A 118 14.73 -5.27 11.39
N TYR A 119 13.52 -5.14 11.95
CA TYR A 119 13.36 -5.24 13.40
C TYR A 119 12.30 -6.30 13.65
N ASN A 120 12.14 -6.70 14.93
CA ASN A 120 11.19 -7.73 15.29
C ASN A 120 10.39 -7.25 16.50
N THR A 121 9.10 -7.60 16.50
CA THR A 121 8.16 -7.22 17.53
C THR A 121 8.48 -7.97 18.83
N PHE A 122 9.41 -8.93 18.72
CA PHE A 122 9.95 -9.64 19.88
C PHE A 122 10.54 -8.62 20.85
N PHE A 123 11.13 -7.55 20.28
CA PHE A 123 12.10 -6.72 20.96
C PHE A 123 11.44 -5.61 21.79
N LYS A 124 10.17 -5.28 21.47
CA LYS A 124 9.36 -4.35 22.24
C LYS A 124 9.93 -2.93 22.18
N THR A 125 10.89 -2.71 21.28
CA THR A 125 11.44 -1.39 20.99
C THR A 125 11.13 -1.03 19.53
N THR A 126 11.56 0.17 19.11
CA THR A 126 11.45 0.64 17.75
C THR A 126 12.84 0.63 17.11
N HIS A 127 12.93 0.17 15.85
CA HIS A 127 14.18 0.19 15.11
C HIS A 127 14.79 1.59 15.16
N PRO A 128 16.10 1.75 15.47
CA PRO A 128 16.72 3.08 15.59
C PRO A 128 16.58 4.02 14.39
N ALA A 129 16.55 3.45 13.18
CA ALA A 129 16.39 4.22 11.94
C ALA A 129 14.98 4.78 11.81
N VAL A 130 14.02 4.21 12.55
CA VAL A 130 12.65 4.72 12.56
C VAL A 130 12.51 5.81 13.62
N VAL A 131 13.07 5.57 14.82
CA VAL A 131 13.10 6.55 15.90
C VAL A 131 13.72 7.85 15.40
N GLU A 132 14.87 7.73 14.69
CA GLU A 132 15.60 8.82 14.07
C GLU A 132 14.68 9.63 13.16
N LEU A 133 14.00 8.93 12.23
CA LEU A 133 13.09 9.56 11.28
C LEU A 133 12.01 10.32 12.03
N SER A 134 11.45 9.69 13.08
CA SER A 134 10.35 10.27 13.85
C SER A 134 10.81 11.56 14.53
N SER A 135 11.99 11.51 15.15
CA SER A 135 12.58 12.65 15.86
C SER A 135 12.72 13.85 14.94
N LEU A 136 13.24 13.59 13.73
CA LEU A 136 13.52 14.64 12.76
C LEU A 136 12.19 15.16 12.21
N LEU A 137 11.24 14.25 11.95
CA LEU A 137 9.95 14.66 11.41
C LEU A 137 9.24 15.61 12.38
N ALA A 138 9.25 15.26 13.67
CA ALA A 138 8.58 16.05 14.70
C ALA A 138 9.13 17.47 14.72
N GLU A 139 10.40 17.64 14.28
CA GLU A 139 11.07 18.93 14.26
C GLU A 139 10.56 19.84 13.14
N VAL A 140 10.07 19.25 12.05
CA VAL A 140 9.73 19.99 10.85
C VAL A 140 8.21 20.07 10.66
N THR A 141 7.48 19.27 11.43
CA THR A 141 6.03 19.22 11.32
C THR A 141 5.47 20.16 12.39
N PRO A 142 4.24 20.70 12.21
CA PRO A 142 3.67 21.65 13.17
C PRO A 142 3.54 21.01 14.55
N ALA A 143 3.26 21.86 15.56
CA ALA A 143 3.13 21.42 16.94
C ALA A 143 1.94 20.47 17.08
N GLY A 144 2.13 19.39 17.86
CA GLY A 144 1.06 18.49 18.23
C GLY A 144 0.95 17.24 17.35
N PHE A 145 1.90 17.09 16.41
CA PHE A 145 1.95 15.95 15.51
C PHE A 145 3.06 14.99 15.95
N ASP A 146 2.88 14.42 17.14
CA ASP A 146 3.87 13.58 17.81
C ASP A 146 3.77 12.13 17.30
N ARG A 147 2.54 11.65 17.12
CA ARG A 147 2.29 10.29 16.69
C ARG A 147 2.39 10.21 15.16
N VAL A 148 3.16 9.25 14.66
CA VAL A 148 3.29 9.00 13.23
C VAL A 148 3.11 7.51 12.98
N PHE A 149 2.39 7.16 11.91
CA PHE A 149 2.12 5.79 11.53
C PHE A 149 2.63 5.65 10.11
N TYR A 150 3.63 4.78 9.91
CA TYR A 150 4.29 4.66 8.62
C TYR A 150 3.57 3.60 7.78
N THR A 151 3.56 3.84 6.47
CA THR A 151 2.96 2.93 5.50
C THR A 151 3.94 2.82 4.34
N ASN A 152 3.56 2.15 3.24
CA ASN A 152 4.45 1.97 2.11
C ASN A 152 4.12 2.96 0.99
N SER A 153 3.03 3.72 1.18
CA SER A 153 2.52 4.51 0.08
C SER A 153 1.50 5.53 0.57
N GLY A 154 1.24 6.52 -0.30
CA GLY A 154 0.20 7.51 -0.12
C GLY A 154 -1.18 6.87 -0.04
N SER A 155 -1.39 5.85 -0.88
CA SER A 155 -2.64 5.12 -0.97
C SER A 155 -2.96 4.42 0.36
N GLU A 156 -1.96 3.74 0.92
CA GLU A 156 -2.08 3.11 2.21
C GLU A 156 -2.31 4.14 3.33
N SER A 157 -1.61 5.28 3.24
CA SER A 157 -1.74 6.32 4.23
C SER A 157 -3.19 6.78 4.31
N VAL A 158 -3.81 6.93 3.14
CA VAL A 158 -5.20 7.37 3.04
C VAL A 158 -6.11 6.32 3.71
N ASP A 159 -5.94 5.09 3.26
CA ASP A 159 -6.67 3.95 3.79
C ASP A 159 -6.54 3.86 5.31
N THR A 160 -5.32 4.00 5.85
CA THR A 160 -5.10 3.90 7.29
C THR A 160 -5.83 5.04 8.00
N MET A 161 -5.71 6.25 7.41
CA MET A 161 -6.34 7.46 7.89
C MET A 161 -7.84 7.21 8.01
N ILE A 162 -8.43 6.58 6.98
CA ILE A 162 -9.87 6.33 6.98
C ILE A 162 -10.23 5.47 8.20
N ARG A 163 -9.48 4.39 8.42
CA ARG A 163 -9.79 3.46 9.49
C ARG A 163 -9.54 4.15 10.82
N MET A 164 -8.55 5.06 10.88
CA MET A 164 -8.21 5.76 12.11
C MET A 164 -9.34 6.71 12.50
N VAL A 165 -9.92 7.37 11.49
CA VAL A 165 -10.93 8.38 11.71
C VAL A 165 -12.14 7.67 12.29
N ARG A 166 -12.52 6.54 11.65
CA ARG A 166 -13.69 5.79 12.05
C ARG A 166 -13.49 5.22 13.45
N ARG A 167 -12.30 4.68 13.71
CA ARG A 167 -11.98 4.09 15.00
C ARG A 167 -12.02 5.15 16.09
N TYR A 168 -11.60 6.38 15.77
CA TYR A 168 -11.58 7.47 16.73
C TYR A 168 -12.99 7.72 17.27
N TRP A 169 -13.96 7.82 16.36
CA TRP A 169 -15.35 8.07 16.72
C TRP A 169 -15.96 6.91 17.51
N ASP A 170 -15.64 5.67 17.12
CA ASP A 170 -16.01 4.49 17.90
C ASP A 170 -15.60 4.68 19.36
N VAL A 171 -14.32 5.01 19.58
CA VAL A 171 -13.76 5.17 20.91
C VAL A 171 -14.52 6.24 21.67
N GLN A 172 -15.03 7.25 20.95
CA GLN A 172 -15.69 8.40 21.56
C GLN A 172 -17.12 8.06 21.97
N GLY A 173 -17.57 6.84 21.63
CA GLY A 173 -18.94 6.42 21.86
C GLY A 173 -19.90 7.04 20.84
N LYS A 174 -19.37 7.29 19.64
CA LYS A 174 -20.17 7.84 18.55
C LYS A 174 -19.96 6.98 17.30
N PRO A 175 -20.37 5.69 17.34
CA PRO A 175 -20.02 4.74 16.28
C PRO A 175 -20.72 4.96 14.94
N GLU A 176 -21.70 5.87 14.90
CA GLU A 176 -22.44 6.12 13.67
C GLU A 176 -21.80 7.26 12.87
N LYS A 177 -20.78 7.90 13.47
CA LYS A 177 -20.01 8.93 12.80
C LYS A 177 -18.96 8.25 11.90
N LYS A 178 -19.35 7.97 10.64
CA LYS A 178 -18.61 7.02 9.80
C LYS A 178 -18.35 7.60 8.41
N THR A 179 -19.12 8.62 7.99
CA THR A 179 -19.07 9.12 6.63
C THR A 179 -17.95 10.15 6.53
N LEU A 180 -17.08 9.97 5.52
CA LEU A 180 -16.08 10.97 5.20
C LEU A 180 -16.52 11.71 3.95
N ILE A 181 -16.25 13.01 3.92
CA ILE A 181 -16.64 13.81 2.78
C ILE A 181 -15.37 14.23 2.03
N GLY A 182 -15.39 14.04 0.70
CA GLY A 182 -14.34 14.51 -0.17
C GLY A 182 -14.94 15.39 -1.26
N ARG A 183 -14.21 15.53 -2.38
CA ARG A 183 -14.58 16.46 -3.42
C ARG A 183 -14.50 15.79 -4.79
N TRP A 184 -15.41 16.18 -5.68
CA TRP A 184 -15.29 15.83 -7.09
C TRP A 184 -13.96 16.39 -7.59
N ASN A 185 -13.27 15.62 -8.43
CA ASN A 185 -11.98 15.99 -8.99
C ASN A 185 -10.90 15.99 -7.90
N GLY A 186 -11.24 15.47 -6.71
CA GLY A 186 -10.25 15.12 -5.70
C GLY A 186 -9.62 13.76 -5.98
N TYR A 187 -8.35 13.58 -5.58
CA TYR A 187 -7.66 12.30 -5.71
C TYR A 187 -6.98 11.97 -4.38
N HIS A 188 -7.28 10.77 -3.86
CA HIS A 188 -6.75 10.30 -2.59
C HIS A 188 -6.15 8.90 -2.74
N GLY A 189 -5.66 8.59 -3.96
CA GLY A 189 -5.00 7.33 -4.21
C GLY A 189 -5.89 6.31 -4.94
N SER A 190 -5.42 5.05 -4.93
CA SER A 190 -5.90 4.02 -5.84
CA SER A 190 -5.94 4.04 -5.84
C SER A 190 -6.57 2.87 -5.08
N THR A 191 -6.49 2.89 -3.75
CA THR A 191 -7.21 1.87 -2.99
C THR A 191 -8.71 2.03 -3.26
N ILE A 192 -9.50 1.03 -2.88
CA ILE A 192 -10.96 1.14 -2.92
C ILE A 192 -11.36 2.32 -2.02
N GLY A 193 -10.83 2.32 -0.77
CA GLY A 193 -11.04 3.38 0.21
C GLY A 193 -10.76 4.78 -0.35
N GLY A 194 -9.54 4.95 -0.89
CA GLY A 194 -9.07 6.22 -1.42
C GLY A 194 -9.77 6.65 -2.71
N ALA A 195 -10.12 5.70 -3.58
CA ALA A 195 -10.78 5.97 -4.85
C ALA A 195 -12.22 6.41 -4.61
N SER A 196 -12.83 5.85 -3.57
CA SER A 196 -14.21 6.17 -3.20
C SER A 196 -14.27 7.53 -2.49
N LEU A 197 -13.17 7.94 -1.86
CA LEU A 197 -13.06 9.23 -1.21
C LEU A 197 -12.77 10.33 -2.25
N GLY A 198 -11.85 10.01 -3.17
CA GLY A 198 -11.55 10.85 -4.31
C GLY A 198 -12.76 10.97 -5.24
N GLY A 199 -12.79 12.05 -6.02
CA GLY A 199 -13.94 12.38 -6.84
C GLY A 199 -13.65 12.36 -8.34
N MET A 200 -12.66 11.56 -8.76
CA MET A 200 -12.41 11.42 -10.19
C MET A 200 -13.61 10.71 -10.81
N LYS A 201 -14.17 11.34 -11.85
CA LYS A 201 -15.46 10.99 -12.42
C LYS A 201 -15.43 9.58 -13.02
N TYR A 202 -14.22 9.14 -13.43
CA TYR A 202 -14.04 7.87 -14.12
C TYR A 202 -13.65 6.76 -13.14
N MET A 203 -13.82 7.04 -11.83
CA MET A 203 -13.62 6.07 -10.77
C MET A 203 -14.96 5.78 -10.06
N HIS A 204 -15.95 6.68 -10.28
CA HIS A 204 -17.20 6.69 -9.54
C HIS A 204 -18.36 6.07 -10.32
N GLU A 205 -18.36 6.22 -11.64
CA GLU A 205 -19.35 5.57 -12.48
C GLU A 205 -19.09 4.06 -12.52
N GLN A 206 -17.93 3.66 -11.98
CA GLN A 206 -17.46 2.28 -11.94
C GLN A 206 -18.56 1.34 -11.43
N GLY A 207 -19.26 1.76 -10.37
CA GLY A 207 -20.43 1.02 -9.88
C GLY A 207 -20.24 0.57 -8.42
N ASP A 208 -19.08 -0.04 -8.14
CA ASP A 208 -18.71 -0.50 -6.81
C ASP A 208 -18.23 0.67 -5.94
N LEU A 209 -17.51 1.62 -6.56
CA LEU A 209 -17.16 2.89 -5.95
C LEU A 209 -18.30 3.90 -6.14
N PRO A 210 -18.72 4.65 -5.09
CA PRO A 210 -18.07 4.60 -3.78
C PRO A 210 -18.67 3.59 -2.80
N ILE A 211 -17.84 3.15 -1.85
CA ILE A 211 -18.28 2.41 -0.67
C ILE A 211 -19.17 3.35 0.16
N PRO A 212 -20.10 2.83 1.00
CA PRO A 212 -20.89 3.71 1.87
C PRO A 212 -19.96 4.38 2.87
N GLY A 213 -20.44 5.46 3.50
CA GLY A 213 -19.62 6.27 4.38
C GLY A 213 -18.69 7.20 3.61
N MET A 214 -19.04 7.42 2.33
CA MET A 214 -18.31 8.35 1.49
C MET A 214 -19.31 9.30 0.84
N ALA A 215 -19.03 10.60 0.95
CA ALA A 215 -19.77 11.58 0.17
C ALA A 215 -18.79 12.56 -0.48
N HIS A 216 -19.31 13.39 -1.39
CA HIS A 216 -18.55 14.33 -2.19
C HIS A 216 -19.27 15.65 -2.28
N ILE A 217 -18.49 16.74 -2.24
CA ILE A 217 -19.00 18.06 -2.59
C ILE A 217 -18.20 18.52 -3.82
N GLU A 218 -18.68 19.57 -4.48
CA GLU A 218 -18.04 20.15 -5.65
C GLU A 218 -16.72 20.80 -5.24
N GLN A 219 -15.78 20.88 -6.19
CA GLN A 219 -14.46 21.45 -5.94
C GLN A 219 -14.51 22.96 -6.03
N PRO A 220 -13.74 23.70 -5.19
CA PRO A 220 -13.71 25.16 -5.26
C PRO A 220 -12.94 25.68 -6.47
N TRP A 221 -13.43 25.33 -7.67
CA TRP A 221 -12.80 25.75 -8.91
C TRP A 221 -13.47 27.02 -9.46
N TRP A 222 -12.83 28.18 -9.22
CA TRP A 222 -13.42 29.48 -9.50
C TRP A 222 -13.78 29.64 -10.97
N TYR A 223 -12.83 29.29 -11.86
CA TYR A 223 -12.98 29.54 -13.29
C TYR A 223 -14.29 28.97 -13.85
N LYS A 224 -14.77 27.86 -13.26
CA LYS A 224 -15.96 27.21 -13.77
C LYS A 224 -17.18 27.54 -12.92
N HIS A 225 -16.99 27.62 -11.59
CA HIS A 225 -18.12 27.68 -10.68
C HIS A 225 -18.26 29.06 -10.04
N GLY A 226 -17.32 29.97 -10.33
CA GLY A 226 -17.27 31.29 -9.71
C GLY A 226 -18.47 32.18 -10.07
N LYS A 227 -18.99 32.01 -11.30
CA LYS A 227 -20.06 32.82 -11.85
C LYS A 227 -19.62 34.28 -11.84
N ASP A 228 -20.29 35.13 -11.05
CA ASP A 228 -20.05 36.57 -11.06
CA ASP A 228 -20.05 36.57 -11.07
C ASP A 228 -19.37 36.99 -9.76
N MET A 229 -19.09 36.00 -8.90
CA MET A 229 -18.51 36.23 -7.58
C MET A 229 -17.02 36.46 -7.74
N THR A 230 -16.43 37.18 -6.78
CA THR A 230 -14.99 37.30 -6.67
C THR A 230 -14.46 36.01 -6.06
N PRO A 231 -13.17 35.63 -6.29
CA PRO A 231 -12.56 34.53 -5.56
C PRO A 231 -12.96 34.48 -4.08
N ASP A 232 -12.62 35.52 -3.31
CA ASP A 232 -12.91 35.52 -1.89
C ASP A 232 -14.37 35.15 -1.62
N GLU A 233 -15.27 35.68 -2.46
CA GLU A 233 -16.70 35.47 -2.30
C GLU A 233 -17.04 34.01 -2.58
N PHE A 234 -16.59 33.53 -3.76
CA PHE A 234 -16.77 32.15 -4.19
C PHE A 234 -16.21 31.18 -3.14
N GLY A 235 -15.10 31.57 -2.53
CA GLY A 235 -14.45 30.80 -1.48
C GLY A 235 -15.43 30.44 -0.36
N VAL A 236 -16.25 31.42 0.07
CA VAL A 236 -17.17 31.18 1.15
C VAL A 236 -18.29 30.25 0.65
N VAL A 237 -18.75 30.48 -0.58
CA VAL A 237 -19.79 29.65 -1.16
C VAL A 237 -19.27 28.22 -1.26
N ALA A 238 -18.12 28.05 -1.94
CA ALA A 238 -17.57 26.73 -2.27
C ALA A 238 -17.40 25.90 -1.00
N ALA A 239 -16.93 26.53 0.07
CA ALA A 239 -16.78 25.90 1.37
C ALA A 239 -18.14 25.54 1.98
N ARG A 240 -19.16 26.39 1.77
CA ARG A 240 -20.45 26.21 2.42
C ARG A 240 -21.13 24.95 1.91
N TRP A 241 -20.71 24.48 0.72
CA TRP A 241 -21.13 23.19 0.18
C TRP A 241 -20.85 22.07 1.18
N LEU A 242 -19.79 22.23 2.00
CA LEU A 242 -19.51 21.27 3.05
C LEU A 242 -20.61 21.32 4.11
N GLU A 243 -21.07 22.55 4.46
CA GLU A 243 -22.13 22.71 5.45
C GLU A 243 -23.42 22.09 4.91
N GLU A 244 -23.69 22.28 3.61
CA GLU A 244 -24.89 21.74 3.00
C GLU A 244 -24.86 20.21 3.07
N LYS A 245 -23.74 19.62 2.66
CA LYS A 245 -23.60 18.17 2.63
C LYS A 245 -23.71 17.60 4.05
N ILE A 246 -23.06 18.23 5.03
CA ILE A 246 -23.12 17.76 6.41
C ILE A 246 -24.58 17.74 6.87
N LEU A 247 -25.29 18.86 6.66
CA LEU A 247 -26.65 19.03 7.13
C LEU A 247 -27.55 18.02 6.42
N GLU A 248 -27.27 17.79 5.13
CA GLU A 248 -28.03 16.86 4.31
C GLU A 248 -27.88 15.44 4.84
N ILE A 249 -26.69 15.08 5.32
CA ILE A 249 -26.38 13.72 5.74
C ILE A 249 -26.74 13.53 7.21
N GLY A 250 -26.54 14.59 8.00
CA GLY A 250 -26.66 14.49 9.45
C GLY A 250 -25.28 14.52 10.10
N ALA A 251 -25.01 15.55 10.90
CA ALA A 251 -23.71 15.80 11.48
C ALA A 251 -23.27 14.60 12.31
N ASP A 252 -24.25 13.87 12.84
CA ASP A 252 -23.98 12.76 13.75
C ASP A 252 -23.55 11.52 12.96
N LYS A 253 -23.54 11.61 11.63
CA LYS A 253 -23.14 10.52 10.76
C LYS A 253 -21.82 10.82 10.04
N VAL A 254 -21.28 12.03 10.23
CA VAL A 254 -20.13 12.52 9.48
C VAL A 254 -18.87 12.44 10.34
N ALA A 255 -17.86 11.69 9.86
CA ALA A 255 -16.62 11.51 10.60
C ALA A 255 -15.60 12.62 10.32
N ALA A 256 -15.50 13.09 9.07
CA ALA A 256 -14.36 13.89 8.69
C ALA A 256 -14.57 14.50 7.30
N PHE A 257 -13.93 15.64 7.05
CA PHE A 257 -13.68 16.14 5.70
C PHE A 257 -12.19 15.97 5.40
N VAL A 258 -11.90 15.47 4.19
CA VAL A 258 -10.55 15.20 3.73
C VAL A 258 -10.33 16.01 2.46
N GLY A 259 -9.22 16.76 2.39
CA GLY A 259 -8.92 17.48 1.16
C GLY A 259 -7.42 17.75 0.96
N GLU A 260 -6.96 17.68 -0.29
CA GLU A 260 -5.66 18.18 -0.67
C GLU A 260 -5.68 19.71 -0.56
N PRO A 261 -4.71 20.35 0.14
CA PRO A 261 -4.68 21.81 0.22
C PRO A 261 -4.83 22.48 -1.15
N ILE A 262 -4.08 21.97 -2.12
CA ILE A 262 -4.29 22.28 -3.54
C ILE A 262 -4.55 20.95 -4.22
N GLN A 263 -5.60 20.86 -5.02
CA GLN A 263 -5.87 19.60 -5.71
C GLN A 263 -4.81 19.39 -6.77
N GLY A 264 -3.96 18.38 -6.58
CA GLY A 264 -2.91 18.01 -7.51
C GLY A 264 -3.46 17.46 -8.82
N ALA A 265 -3.82 16.17 -8.83
CA ALA A 265 -4.20 15.44 -10.04
C ALA A 265 -5.50 15.99 -10.64
N GLY A 266 -6.21 16.81 -9.86
CA GLY A 266 -7.37 17.55 -10.34
C GLY A 266 -6.98 18.70 -11.27
N GLY A 267 -5.69 19.08 -11.25
CA GLY A 267 -5.17 20.12 -12.14
C GLY A 267 -4.72 21.37 -11.38
N VAL A 268 -4.17 21.17 -10.19
CA VAL A 268 -3.61 22.25 -9.37
C VAL A 268 -4.67 23.34 -9.23
N ILE A 269 -5.85 22.94 -8.76
CA ILE A 269 -6.93 23.87 -8.45
C ILE A 269 -6.55 24.55 -7.15
N VAL A 270 -6.21 25.84 -7.20
CA VAL A 270 -5.84 26.59 -6.01
C VAL A 270 -7.10 27.22 -5.44
N PRO A 271 -7.48 26.92 -4.18
CA PRO A 271 -8.71 27.47 -3.62
C PRO A 271 -8.52 28.94 -3.24
N PRO A 272 -9.58 29.78 -3.33
CA PRO A 272 -9.52 31.16 -2.83
C PRO A 272 -9.02 31.17 -1.39
N ALA A 273 -8.54 32.32 -0.93
CA ALA A 273 -7.92 32.47 0.38
C ALA A 273 -8.94 32.31 1.48
N THR A 274 -10.22 32.41 1.13
CA THR A 274 -11.30 32.39 2.12
C THR A 274 -11.79 30.96 2.36
N TYR A 275 -11.40 30.05 1.46
CA TYR A 275 -11.93 28.69 1.40
C TYR A 275 -11.62 27.91 2.67
N TRP A 276 -10.32 27.73 2.95
CA TRP A 276 -9.89 26.80 3.97
C TRP A 276 -10.31 27.26 5.38
N PRO A 277 -10.21 28.56 5.76
CA PRO A 277 -10.61 28.95 7.11
C PRO A 277 -12.11 28.70 7.35
N GLU A 278 -12.91 28.85 6.28
CA GLU A 278 -14.33 28.52 6.27
C GLU A 278 -14.58 27.01 6.42
N ILE A 279 -13.88 26.18 5.62
CA ILE A 279 -13.93 24.72 5.75
C ILE A 279 -13.72 24.36 7.22
N GLU A 280 -12.64 24.87 7.82
CA GLU A 280 -12.27 24.52 9.18
C GLU A 280 -13.36 24.95 10.18
N ARG A 281 -13.92 26.15 9.97
CA ARG A 281 -14.95 26.67 10.85
C ARG A 281 -16.14 25.72 10.85
N ILE A 282 -16.50 25.23 9.65
CA ILE A 282 -17.60 24.30 9.45
C ILE A 282 -17.32 22.97 10.13
N CYS A 283 -16.10 22.44 9.94
CA CYS A 283 -15.76 21.18 10.58
C CYS A 283 -15.93 21.30 12.10
N ARG A 284 -15.38 22.38 12.66
CA ARG A 284 -15.39 22.58 14.10
C ARG A 284 -16.84 22.76 14.58
N LYS A 285 -17.60 23.56 13.82
CA LYS A 285 -19.01 23.80 14.12
C LYS A 285 -19.75 22.48 14.36
N TYR A 286 -19.54 21.50 13.46
CA TYR A 286 -20.33 20.27 13.45
C TYR A 286 -19.57 19.08 14.06
N ASP A 287 -18.42 19.35 14.70
CA ASP A 287 -17.66 18.30 15.39
C ASP A 287 -17.24 17.20 14.40
N VAL A 288 -16.71 17.63 13.25
CA VAL A 288 -16.25 16.76 12.17
C VAL A 288 -14.74 16.92 12.10
N LEU A 289 -13.98 15.80 12.01
CA LEU A 289 -12.53 15.92 11.92
C LEU A 289 -12.12 16.54 10.59
N LEU A 290 -10.95 17.20 10.55
CA LEU A 290 -10.44 17.82 9.33
C LEU A 290 -9.10 17.16 9.01
N VAL A 291 -8.99 16.64 7.77
CA VAL A 291 -7.82 15.88 7.35
C VAL A 291 -7.26 16.54 6.08
N ALA A 292 -5.96 16.83 6.08
CA ALA A 292 -5.30 17.35 4.90
C ALA A 292 -4.59 16.17 4.21
N ASP A 293 -4.71 16.08 2.88
CA ASP A 293 -3.98 15.08 2.15
C ASP A 293 -2.74 15.76 1.56
N GLU A 294 -1.58 15.59 2.21
CA GLU A 294 -0.36 16.27 1.82
C GLU A 294 0.48 15.43 0.85
N VAL A 295 -0.13 14.45 0.18
CA VAL A 295 0.58 13.58 -0.75
C VAL A 295 1.43 14.38 -1.75
N ILE A 296 0.87 15.45 -2.32
CA ILE A 296 1.55 16.26 -3.32
C ILE A 296 2.11 17.55 -2.71
N CYS A 297 1.39 18.12 -1.73
CA CYS A 297 1.73 19.41 -1.16
C CYS A 297 2.76 19.27 -0.02
N GLY A 298 3.08 18.04 0.36
CA GLY A 298 3.97 17.80 1.49
C GLY A 298 5.45 17.95 1.12
N PHE A 299 6.30 18.12 2.15
CA PHE A 299 7.75 18.17 2.01
C PHE A 299 8.18 19.31 1.08
N GLY A 300 7.58 20.50 1.29
CA GLY A 300 8.12 21.76 0.83
C GLY A 300 7.54 22.27 -0.50
N ARG A 301 6.56 21.55 -1.07
CA ARG A 301 6.09 21.85 -2.41
C ARG A 301 5.53 23.28 -2.53
N THR A 302 4.86 23.78 -1.48
CA THR A 302 4.25 25.11 -1.55
C THR A 302 5.15 26.15 -0.88
N GLY A 303 6.39 25.76 -0.60
CA GLY A 303 7.32 26.67 0.06
C GLY A 303 7.31 26.45 1.56
N GLU A 304 6.14 26.14 2.09
CA GLU A 304 5.99 25.69 3.47
C GLU A 304 6.34 24.20 3.51
N TRP A 305 6.47 23.65 4.72
CA TRP A 305 6.71 22.22 4.86
C TRP A 305 5.51 21.42 4.32
N PHE A 306 4.29 21.90 4.61
CA PHE A 306 3.02 21.26 4.26
C PHE A 306 2.00 22.27 3.76
N GLY A 307 1.29 21.90 2.69
CA GLY A 307 0.23 22.70 2.08
C GLY A 307 -0.69 23.38 3.10
N HIS A 308 -1.09 22.67 4.15
CA HIS A 308 -2.06 23.23 5.07
C HIS A 308 -1.47 24.44 5.81
N GLN A 309 -0.15 24.45 5.99
CA GLN A 309 0.50 25.56 6.68
C GLN A 309 0.39 26.81 5.83
N HIS A 310 0.48 26.65 4.51
CA HIS A 310 0.38 27.77 3.58
C HIS A 310 -1.04 28.33 3.58
N PHE A 311 -2.05 27.47 3.68
CA PHE A 311 -3.42 27.95 3.56
C PHE A 311 -3.95 28.33 4.94
N GLY A 312 -3.17 27.97 5.97
CA GLY A 312 -3.42 28.41 7.34
C GLY A 312 -4.58 27.70 8.03
N PHE A 313 -4.70 26.39 7.85
CA PHE A 313 -5.64 25.57 8.61
C PHE A 313 -4.87 24.50 9.38
N GLN A 314 -5.46 24.04 10.49
CA GLN A 314 -4.85 23.02 11.34
C GLN A 314 -5.67 21.74 11.29
N PRO A 315 -5.29 20.73 10.46
CA PRO A 315 -6.03 19.47 10.37
C PRO A 315 -5.69 18.62 11.58
N ASP A 316 -6.58 17.68 11.91
CA ASP A 316 -6.43 16.80 13.06
C ASP A 316 -5.56 15.60 12.70
N LEU A 317 -5.44 15.32 11.38
CA LEU A 317 -4.53 14.33 10.83
C LEU A 317 -4.14 14.80 9.44
N PHE A 318 -2.98 14.33 8.95
CA PHE A 318 -2.61 14.53 7.56
C PHE A 318 -1.79 13.35 7.03
N THR A 319 -1.94 13.10 5.73
CA THR A 319 -1.35 11.92 5.08
C THR A 319 -0.22 12.36 4.17
N ALA A 320 0.82 11.54 4.10
CA ALA A 320 2.01 11.83 3.31
C ALA A 320 2.41 10.60 2.50
N ALA A 321 3.13 10.81 1.40
CA ALA A 321 3.54 9.73 0.50
C ALA A 321 5.01 9.90 0.12
N LYS A 322 5.43 9.23 -0.96
CA LYS A 322 6.83 8.97 -1.28
C LYS A 322 7.69 10.25 -1.34
N GLY A 323 7.05 11.43 -1.41
CA GLY A 323 7.75 12.71 -1.25
C GLY A 323 8.55 12.75 0.04
N LEU A 324 8.15 11.94 1.02
CA LEU A 324 8.86 11.80 2.29
C LEU A 324 10.27 11.20 2.05
N SER A 325 10.47 10.57 0.89
CA SER A 325 11.73 9.95 0.53
C SER A 325 12.20 10.41 -0.85
N SER A 326 11.54 11.47 -1.36
CA SER A 326 11.74 11.98 -2.71
C SER A 326 11.56 10.89 -3.76
N GLY A 327 10.84 9.81 -3.40
CA GLY A 327 10.48 8.78 -4.36
C GLY A 327 11.57 7.72 -4.52
N TYR A 328 12.62 7.83 -3.70
CA TYR A 328 13.81 7.00 -3.81
C TYR A 328 13.51 5.55 -3.39
N LEU A 329 12.70 5.41 -2.32
CA LEU A 329 12.14 4.13 -1.87
C LEU A 329 10.68 4.37 -1.46
N PRO A 330 9.75 3.40 -1.67
CA PRO A 330 8.34 3.61 -1.29
C PRO A 330 8.15 3.71 0.22
N ILE A 331 7.40 4.74 0.64
CA ILE A 331 7.07 4.98 2.03
C ILE A 331 5.96 6.01 2.03
N GLY A 332 5.14 6.02 3.09
CA GLY A 332 4.18 7.07 3.38
C GLY A 332 4.06 7.21 4.89
N ALA A 333 3.15 8.08 5.36
CA ALA A 333 2.86 8.19 6.78
C ALA A 333 1.53 8.90 6.99
N VAL A 334 0.94 8.68 8.18
CA VAL A 334 -0.16 9.47 8.70
C VAL A 334 0.39 10.16 9.94
N PHE A 335 0.34 11.49 9.95
CA PHE A 335 0.68 12.30 11.12
C PHE A 335 -0.63 12.56 11.87
N VAL A 336 -0.63 12.25 13.17
CA VAL A 336 -1.84 12.28 13.98
C VAL A 336 -1.67 13.33 15.08
N GLY A 337 -2.66 14.24 15.22
CA GLY A 337 -2.61 15.33 16.17
C GLY A 337 -3.00 14.87 17.57
N LYS A 338 -2.93 15.77 18.54
CA LYS A 338 -3.15 15.44 19.95
C LYS A 338 -4.53 14.85 20.15
N ARG A 339 -5.54 15.51 19.57
CA ARG A 339 -6.94 15.19 19.81
C ARG A 339 -7.21 13.72 19.47
N VAL A 340 -6.81 13.34 18.24
CA VAL A 340 -7.09 12.03 17.68
C VAL A 340 -6.11 10.99 18.26
N ALA A 341 -4.85 11.38 18.39
CA ALA A 341 -3.82 10.50 18.96
C ALA A 341 -4.28 9.98 20.33
N GLU A 342 -4.64 10.90 21.22
CA GLU A 342 -5.12 10.56 22.55
C GLU A 342 -6.27 9.55 22.45
N GLY A 343 -7.16 9.76 21.47
CA GLY A 343 -8.35 8.94 21.27
C GLY A 343 -8.03 7.52 20.82
N LEU A 344 -7.09 7.38 19.86
CA LEU A 344 -6.72 6.10 19.27
C LEU A 344 -5.92 5.24 20.27
N ILE A 345 -5.23 5.90 21.19
CA ILE A 345 -4.37 5.24 22.19
C ILE A 345 -5.25 4.58 23.25
N ALA A 346 -6.32 5.27 23.68
CA ALA A 346 -7.31 4.73 24.59
C ALA A 346 -7.99 3.50 23.97
N GLY A 347 -8.24 3.57 22.67
CA GLY A 347 -8.80 2.46 21.90
C GLY A 347 -7.80 1.33 21.71
N GLY A 348 -6.53 1.68 21.50
CA GLY A 348 -5.42 0.74 21.50
C GLY A 348 -5.24 0.01 20.17
N ASP A 349 -6.12 0.29 19.21
CA ASP A 349 -6.20 -0.46 17.97
C ASP A 349 -4.94 -0.29 17.13
N PHE A 350 -4.26 0.86 17.28
CA PHE A 350 -3.23 1.29 16.34
C PHE A 350 -1.88 1.41 17.03
N ASN A 351 -1.81 1.05 18.31
CA ASN A 351 -0.58 1.15 19.11
C ASN A 351 0.57 0.39 18.45
N HIS A 352 0.26 -0.77 17.84
CA HIS A 352 1.24 -1.65 17.21
C HIS A 352 1.98 -0.95 16.07
N GLY A 353 1.25 -0.17 15.27
CA GLY A 353 1.83 0.60 14.18
C GLY A 353 2.64 1.79 14.66
N PHE A 354 2.13 2.50 15.68
CA PHE A 354 2.80 3.67 16.22
C PHE A 354 4.16 3.29 16.82
N THR A 355 4.34 1.99 17.11
CA THR A 355 5.53 1.44 17.74
C THR A 355 6.42 0.75 16.71
N TYR A 356 5.84 -0.20 15.95
CA TYR A 356 6.62 -1.12 15.13
C TYR A 356 6.53 -0.78 13.65
N SER A 357 5.77 0.26 13.27
CA SER A 357 5.58 0.57 11.86
C SER A 357 6.82 1.24 11.30
N GLY A 358 7.07 1.03 10.00
CA GLY A 358 8.14 1.67 9.27
C GLY A 358 9.20 0.67 8.82
N HIS A 359 9.27 0.43 7.51
CA HIS A 359 10.34 -0.39 6.95
C HIS A 359 11.69 0.32 7.15
N PRO A 360 12.63 -0.28 7.92
CA PRO A 360 13.86 0.41 8.30
C PRO A 360 14.71 0.98 7.15
N VAL A 361 14.85 0.23 6.05
CA VAL A 361 15.67 0.69 4.95
C VAL A 361 15.05 1.95 4.36
N CYS A 362 13.75 1.86 4.07
CA CYS A 362 12.95 2.98 3.60
C CYS A 362 13.01 4.15 4.60
N ALA A 363 12.98 3.83 5.90
CA ALA A 363 12.97 4.87 6.93
C ALA A 363 14.30 5.63 6.91
N ALA A 364 15.40 4.91 6.63
CA ALA A 364 16.73 5.50 6.62
C ALA A 364 16.88 6.42 5.42
N VAL A 365 16.29 6.03 4.28
CA VAL A 365 16.37 6.86 3.09
C VAL A 365 15.50 8.10 3.30
N ALA A 366 14.41 7.94 4.05
CA ALA A 366 13.50 9.07 4.27
C ALA A 366 14.19 10.10 5.16
N HIS A 367 14.92 9.61 6.16
CA HIS A 367 15.67 10.42 7.10
C HIS A 367 16.67 11.29 6.35
N ALA A 368 17.39 10.67 5.40
CA ALA A 368 18.39 11.35 4.60
C ALA A 368 17.74 12.48 3.82
N ASN A 369 16.57 12.18 3.26
CA ASN A 369 15.86 13.08 2.36
C ASN A 369 15.30 14.28 3.12
N VAL A 370 14.84 14.07 4.35
CA VAL A 370 14.26 15.16 5.12
C VAL A 370 15.38 16.07 5.63
N ALA A 371 16.45 15.44 6.14
CA ALA A 371 17.67 16.13 6.54
C ALA A 371 18.22 16.98 5.38
N ALA A 372 18.25 16.41 4.18
CA ALA A 372 18.65 17.22 3.04
C ALA A 372 17.67 18.38 2.89
N LEU A 373 16.36 18.09 2.87
CA LEU A 373 15.36 19.12 2.66
C LEU A 373 15.56 20.30 3.62
N ARG A 374 15.86 19.99 4.90
CA ARG A 374 16.05 21.04 5.87
C ARG A 374 17.48 21.60 5.82
N ASP A 375 18.47 20.76 6.19
CA ASP A 375 19.83 21.18 6.46
C ASP A 375 20.50 21.79 5.22
N GLU A 376 20.01 21.46 4.02
CA GLU A 376 20.53 22.05 2.79
C GLU A 376 19.68 23.26 2.39
N GLY A 377 18.79 23.68 3.29
CA GLY A 377 17.89 24.81 3.12
C GLY A 377 17.05 24.76 1.83
N ILE A 378 16.65 23.57 1.39
CA ILE A 378 15.90 23.40 0.15
C ILE A 378 14.48 23.95 0.31
N VAL A 379 13.88 23.74 1.48
CA VAL A 379 12.51 24.16 1.75
C VAL A 379 12.48 25.67 1.94
N GLN A 380 13.29 26.19 2.88
CA GLN A 380 13.38 27.62 3.10
C GLN A 380 13.59 28.35 1.77
N ARG A 381 14.40 27.73 0.89
CA ARG A 381 14.75 28.29 -0.41
C ARG A 381 13.51 28.41 -1.30
N VAL A 382 12.50 27.55 -1.10
CA VAL A 382 11.29 27.60 -1.91
C VAL A 382 10.46 28.79 -1.44
N LYS A 383 10.38 28.94 -0.11
CA LYS A 383 9.65 30.06 0.46
C LYS A 383 10.27 31.39 0.00
N ASP A 384 11.58 31.54 0.21
CA ASP A 384 12.28 32.81 0.05
C ASP A 384 12.65 33.11 -1.41
N ASP A 385 13.32 32.16 -2.09
CA ASP A 385 14.05 32.47 -3.30
C ASP A 385 13.30 31.92 -4.52
N ILE A 386 13.35 30.59 -4.72
CA ILE A 386 12.98 29.99 -5.98
C ILE A 386 11.47 30.03 -6.21
N GLY A 387 10.70 29.97 -5.10
CA GLY A 387 9.24 30.05 -5.16
C GLY A 387 8.78 31.36 -5.82
N PRO A 388 8.92 32.51 -5.12
CA PRO A 388 8.59 33.82 -5.69
C PRO A 388 9.06 33.95 -7.14
N TYR A 389 10.32 33.55 -7.41
CA TYR A 389 10.91 33.66 -8.73
C TYR A 389 10.11 32.86 -9.76
N MET A 390 9.93 31.56 -9.49
CA MET A 390 9.16 30.69 -10.37
C MET A 390 7.78 31.28 -10.62
N GLN A 391 7.10 31.71 -9.55
CA GLN A 391 5.74 32.25 -9.65
C GLN A 391 5.73 33.46 -10.58
N LYS A 392 6.56 34.46 -10.27
CA LYS A 392 6.69 35.64 -11.10
C LYS A 392 6.94 35.22 -12.55
N ARG A 393 8.03 34.46 -12.76
CA ARG A 393 8.43 34.06 -14.11
C ARG A 393 7.31 33.25 -14.77
N TRP A 394 6.64 32.38 -13.99
CA TRP A 394 5.55 31.54 -14.49
C TRP A 394 4.43 32.43 -15.06
N ARG A 395 4.02 33.42 -14.27
CA ARG A 395 2.98 34.37 -14.67
C ARG A 395 3.47 35.18 -15.89
N GLU A 396 4.65 35.81 -15.76
CA GLU A 396 5.25 36.59 -16.85
C GLU A 396 5.10 35.83 -18.17
N THR A 397 5.55 34.56 -18.18
CA THR A 397 5.73 33.76 -19.38
C THR A 397 4.41 33.43 -20.04
N PHE A 398 3.38 33.16 -19.22
CA PHE A 398 2.20 32.45 -19.70
C PHE A 398 0.98 33.35 -19.82
N SER A 399 0.97 34.43 -19.04
CA SER A 399 -0.14 35.38 -18.95
C SER A 399 -0.59 35.90 -20.31
N ARG A 400 0.36 36.02 -21.24
CA ARG A 400 0.14 36.80 -22.45
C ARG A 400 -0.58 36.01 -23.54
N PHE A 401 -0.83 34.71 -23.32
CA PHE A 401 -1.38 33.88 -24.38
C PHE A 401 -2.88 34.02 -24.47
N GLU A 402 -3.40 33.88 -25.71
CA GLU A 402 -4.79 34.11 -26.05
C GLU A 402 -5.70 33.05 -25.43
N HIS A 403 -5.23 31.80 -25.42
CA HIS A 403 -6.04 30.66 -25.02
C HIS A 403 -5.54 30.08 -23.71
N VAL A 404 -4.86 30.90 -22.88
CA VAL A 404 -4.30 30.49 -21.61
C VAL A 404 -4.82 31.44 -20.53
N ASP A 405 -5.44 30.87 -19.48
CA ASP A 405 -6.07 31.65 -18.43
C ASP A 405 -5.81 30.98 -17.07
N ASP A 406 -6.41 31.56 -16.01
CA ASP A 406 -6.26 31.09 -14.64
C ASP A 406 -4.82 30.65 -14.40
N VAL A 407 -3.85 31.48 -14.82
CA VAL A 407 -2.46 31.22 -14.50
C VAL A 407 -2.33 31.32 -12.99
N ARG A 408 -1.73 30.31 -12.35
CA ARG A 408 -1.78 30.15 -10.90
C ARG A 408 -0.59 29.32 -10.45
N GLY A 409 -0.30 29.39 -9.14
CA GLY A 409 0.82 28.69 -8.54
C GLY A 409 1.20 29.30 -7.19
N VAL A 410 1.89 28.49 -6.38
CA VAL A 410 2.47 28.86 -5.10
C VAL A 410 3.70 27.97 -5.00
N GLY A 411 4.73 28.41 -4.25
CA GLY A 411 5.93 27.60 -4.06
C GLY A 411 6.44 27.07 -5.40
N MET A 412 6.51 25.73 -5.54
CA MET A 412 6.97 25.11 -6.78
C MET A 412 5.89 24.24 -7.42
N VAL A 413 4.63 24.46 -7.02
CA VAL A 413 3.49 23.93 -7.77
C VAL A 413 2.85 25.09 -8.51
N GLN A 414 2.58 24.89 -9.82
CA GLN A 414 2.04 25.98 -10.63
C GLN A 414 1.35 25.38 -11.84
N ALA A 415 0.49 26.16 -12.48
CA ALA A 415 -0.39 25.65 -13.52
C ALA A 415 -1.08 26.80 -14.23
N PHE A 416 -1.78 26.43 -15.32
CA PHE A 416 -2.71 27.30 -16.03
C PHE A 416 -3.72 26.41 -16.73
N THR A 417 -4.77 27.02 -17.29
CA THR A 417 -5.82 26.32 -18.00
C THR A 417 -5.86 26.82 -19.44
N LEU A 418 -6.02 25.88 -20.38
CA LEU A 418 -6.30 26.22 -21.77
C LEU A 418 -7.80 26.36 -21.92
N VAL A 419 -8.21 27.50 -22.49
CA VAL A 419 -9.59 27.93 -22.59
C VAL A 419 -9.89 28.28 -24.04
N LYS A 420 -11.16 28.17 -24.46
CA LYS A 420 -11.56 28.56 -25.80
C LYS A 420 -11.45 30.08 -25.95
N ASN A 421 -12.00 30.80 -24.95
CA ASN A 421 -12.13 32.25 -24.97
C ASN A 421 -12.12 32.79 -23.55
N LYS A 422 -11.10 33.61 -23.23
CA LYS A 422 -10.87 34.07 -21.87
C LYS A 422 -11.99 35.00 -21.39
N ALA A 423 -12.60 35.75 -22.31
CA ALA A 423 -13.55 36.79 -21.95
C ALA A 423 -14.81 36.16 -21.36
N LYS A 424 -15.33 35.13 -22.06
CA LYS A 424 -16.54 34.43 -21.63
C LYS A 424 -16.19 33.40 -20.55
N ARG A 425 -14.88 33.22 -20.28
CA ARG A 425 -14.37 32.15 -19.44
C ARG A 425 -14.92 30.81 -19.94
N GLU A 426 -14.74 30.59 -21.25
CA GLU A 426 -15.31 29.47 -21.94
C GLU A 426 -14.24 28.39 -22.11
N LEU A 427 -14.57 27.16 -21.70
CA LEU A 427 -13.68 26.02 -21.80
C LEU A 427 -13.84 25.38 -23.18
N PHE A 428 -12.82 24.63 -23.61
CA PHE A 428 -12.91 23.83 -24.82
C PHE A 428 -13.90 22.70 -24.61
N PRO A 429 -14.50 22.12 -25.68
CA PRO A 429 -15.36 20.95 -25.54
C PRO A 429 -14.48 19.72 -25.31
N ASP A 430 -15.11 18.61 -24.86
CA ASP A 430 -14.40 17.36 -24.59
C ASP A 430 -13.14 17.66 -23.78
N PHE A 431 -13.31 18.42 -22.69
CA PHE A 431 -12.26 18.79 -21.77
C PHE A 431 -11.23 17.67 -21.70
N GLY A 432 -10.01 17.96 -22.14
CA GLY A 432 -8.91 17.01 -22.04
C GLY A 432 -8.26 16.71 -23.38
N GLU A 433 -9.05 16.84 -24.47
CA GLU A 433 -8.55 16.58 -25.81
C GLU A 433 -7.56 17.69 -26.20
N ILE A 434 -7.87 18.91 -25.79
CA ILE A 434 -7.00 20.06 -26.07
C ILE A 434 -5.78 20.02 -25.17
N GLY A 435 -5.96 19.56 -23.92
CA GLY A 435 -4.84 19.36 -23.01
C GLY A 435 -3.84 18.34 -23.56
N THR A 436 -4.37 17.28 -24.18
CA THR A 436 -3.58 16.23 -24.80
C THR A 436 -2.70 16.84 -25.87
N LEU A 437 -3.29 17.67 -26.74
CA LEU A 437 -2.63 18.27 -27.88
C LEU A 437 -1.45 19.11 -27.42
N CYS A 438 -1.66 19.88 -26.34
CA CYS A 438 -0.60 20.72 -25.81
C CYS A 438 0.51 19.89 -25.20
N ARG A 439 0.13 18.78 -24.56
CA ARG A 439 1.06 17.95 -23.81
C ARG A 439 1.99 17.23 -24.79
N ASP A 440 1.41 16.69 -25.87
CA ASP A 440 2.17 16.03 -26.93
C ASP A 440 3.29 16.94 -27.43
N ILE A 441 3.05 18.25 -27.41
CA ILE A 441 3.99 19.25 -27.89
C ILE A 441 5.15 19.38 -26.91
N PHE A 442 4.83 19.57 -25.62
CA PHE A 442 5.84 19.61 -24.58
C PHE A 442 6.72 18.37 -24.67
N PHE A 443 6.12 17.25 -25.06
CA PHE A 443 6.73 15.93 -25.08
C PHE A 443 7.65 15.79 -26.29
N ARG A 444 7.15 16.20 -27.46
CA ARG A 444 7.90 16.18 -28.70
CA ARG A 444 7.91 16.17 -28.70
C ARG A 444 9.08 17.15 -28.60
N ASN A 445 9.09 17.98 -27.55
CA ASN A 445 10.10 19.00 -27.32
C ASN A 445 10.92 18.70 -26.07
N ASN A 446 10.75 17.48 -25.54
CA ASN A 446 11.56 16.96 -24.45
C ASN A 446 11.41 17.80 -23.19
N LEU A 447 10.20 18.29 -22.93
CA LEU A 447 9.82 18.87 -21.65
C LEU A 447 8.70 18.04 -21.01
N ILE A 448 8.83 17.73 -19.71
CA ILE A 448 7.78 17.02 -19.00
C ILE A 448 6.96 18.00 -18.18
N MET A 449 5.73 18.22 -18.64
CA MET A 449 4.65 18.85 -17.91
C MET A 449 3.40 18.04 -18.24
N ARG A 450 2.52 17.85 -17.25
CA ARG A 450 1.37 16.97 -17.40
CA ARG A 450 1.37 16.97 -17.40
C ARG A 450 0.11 17.77 -17.68
N ALA A 451 -0.80 17.16 -18.46
CA ALA A 451 -2.12 17.70 -18.73
C ALA A 451 -3.16 16.94 -17.88
N CYS A 452 -3.87 17.68 -17.02
CA CYS A 452 -5.02 17.14 -16.29
C CYS A 452 -6.28 17.76 -16.87
N GLY A 453 -6.93 17.00 -17.77
CA GLY A 453 -7.92 17.56 -18.67
C GLY A 453 -7.27 18.64 -19.53
N ASP A 454 -7.79 19.87 -19.43
CA ASP A 454 -7.26 20.98 -20.21
C ASP A 454 -6.33 21.86 -19.36
N HIS A 455 -6.21 21.54 -18.06
CA HIS A 455 -5.21 22.20 -17.23
C HIS A 455 -3.82 21.70 -17.62
N ILE A 456 -2.82 22.58 -17.48
CA ILE A 456 -1.43 22.19 -17.61
C ILE A 456 -0.77 22.45 -16.26
N VAL A 457 0.00 21.49 -15.78
CA VAL A 457 0.54 21.56 -14.43
C VAL A 457 2.03 21.24 -14.48
N SER A 458 2.76 21.79 -13.50
CA SER A 458 4.19 21.62 -13.30
C SER A 458 4.50 21.58 -11.80
N ALA A 459 5.38 20.66 -11.39
CA ALA A 459 5.87 20.57 -10.04
C ALA A 459 7.29 20.03 -10.10
N PRO A 460 8.27 20.83 -10.57
CA PRO A 460 9.63 20.35 -10.78
C PRO A 460 10.30 20.08 -9.43
N PRO A 461 11.47 19.41 -9.41
CA PRO A 461 12.21 19.25 -8.16
C PRO A 461 12.41 20.61 -7.50
N LEU A 462 12.52 20.62 -6.17
CA LEU A 462 12.55 21.87 -5.42
C LEU A 462 13.93 22.53 -5.51
N VAL A 463 14.92 21.77 -5.99
CA VAL A 463 16.31 22.22 -6.05
C VAL A 463 16.60 22.86 -7.42
N MET A 464 15.56 23.00 -8.25
CA MET A 464 15.66 23.71 -9.51
C MET A 464 16.29 25.08 -9.27
N THR A 465 17.19 25.51 -10.17
CA THR A 465 17.82 26.84 -10.11
C THR A 465 17.08 27.84 -10.98
N ARG A 466 17.35 29.13 -10.74
CA ARG A 466 16.82 30.24 -11.51
C ARG A 466 17.09 30.03 -13.00
N ALA A 467 18.29 29.51 -13.32
CA ALA A 467 18.68 29.19 -14.68
C ALA A 467 17.74 28.13 -15.26
N GLU A 468 17.57 27.05 -14.50
CA GLU A 468 16.76 25.90 -14.90
C GLU A 468 15.31 26.34 -15.07
N VAL A 469 14.86 27.24 -14.18
CA VAL A 469 13.54 27.84 -14.28
C VAL A 469 13.37 28.50 -15.65
N ASP A 470 14.29 29.42 -15.98
CA ASP A 470 14.21 30.18 -17.20
C ASP A 470 14.25 29.24 -18.40
N GLU A 471 15.05 28.18 -18.26
CA GLU A 471 15.33 27.21 -19.31
C GLU A 471 14.07 26.42 -19.65
N MET A 472 13.37 25.98 -18.59
CA MET A 472 12.12 25.25 -18.70
C MET A 472 11.09 26.13 -19.41
N LEU A 473 10.91 27.35 -18.90
CA LEU A 473 9.90 28.28 -19.37
C LEU A 473 10.14 28.63 -20.84
N ALA A 474 11.42 28.79 -21.20
CA ALA A 474 11.87 28.96 -22.56
C ALA A 474 11.21 27.95 -23.49
N VAL A 475 11.31 26.66 -23.14
CA VAL A 475 10.83 25.56 -23.96
C VAL A 475 9.30 25.57 -23.98
N ALA A 476 8.71 25.91 -22.82
CA ALA A 476 7.28 25.94 -22.66
C ALA A 476 6.68 27.02 -23.56
N GLU A 477 7.29 28.22 -23.48
CA GLU A 477 6.98 29.37 -24.31
C GLU A 477 6.85 28.92 -25.76
N ARG A 478 7.94 28.34 -26.29
CA ARG A 478 8.04 27.92 -27.68
C ARG A 478 6.90 26.97 -28.02
N CYS A 479 6.62 26.04 -27.11
CA CYS A 479 5.62 25.01 -27.30
C CYS A 479 4.23 25.63 -27.40
N LEU A 480 3.99 26.69 -26.62
CA LEU A 480 2.69 27.35 -26.58
C LEU A 480 2.46 28.22 -27.81
N GLU A 481 3.53 28.88 -28.28
CA GLU A 481 3.51 29.55 -29.57
C GLU A 481 3.01 28.55 -30.62
N GLU A 482 3.68 27.38 -30.64
CA GLU A 482 3.37 26.30 -31.57
C GLU A 482 1.94 25.82 -31.37
N PHE A 483 1.48 25.85 -30.11
CA PHE A 483 0.12 25.46 -29.75
C PHE A 483 -0.89 26.35 -30.47
N GLU A 484 -0.77 27.68 -30.29
CA GLU A 484 -1.69 28.64 -30.88
C GLU A 484 -1.78 28.43 -32.39
N GLN A 485 -0.61 28.25 -33.03
CA GLN A 485 -0.52 28.05 -34.47
C GLN A 485 -1.35 26.84 -34.89
N THR A 486 -1.04 25.68 -34.30
CA THR A 486 -1.69 24.41 -34.62
C THR A 486 -3.18 24.53 -34.34
N LEU A 487 -3.54 25.43 -33.42
CA LEU A 487 -4.91 25.72 -33.04
C LEU A 487 -5.60 26.43 -34.21
N LYS A 488 -4.97 27.50 -34.70
CA LYS A 488 -5.43 28.25 -35.86
C LYS A 488 -5.40 27.36 -37.10
N ALA A 489 -4.28 26.63 -37.27
CA ALA A 489 -4.04 25.75 -38.41
C ALA A 489 -5.16 24.71 -38.54
N ARG A 490 -5.85 24.43 -37.43
CA ARG A 490 -6.94 23.47 -37.42
C ARG A 490 -8.28 24.18 -37.44
N GLY A 491 -8.28 25.46 -37.04
CA GLY A 491 -9.51 26.22 -36.93
C GLY A 491 -10.27 25.87 -35.66
N LEU A 492 -9.52 25.49 -34.61
CA LEU A 492 -10.08 25.18 -33.32
C LEU A 492 -9.79 26.34 -32.36
N ALA A 493 -9.04 27.34 -32.86
CA ALA A 493 -8.71 28.55 -32.13
C ALA A 493 -9.94 29.46 -32.06
N ALA B 67 15.57 -3.08 28.51
CA ALA B 67 15.09 -2.75 27.14
C ALA B 67 16.04 -3.35 26.10
N ARG B 68 15.88 -4.65 25.85
CA ARG B 68 16.62 -5.39 24.83
C ARG B 68 16.48 -4.70 23.47
N VAL B 69 17.61 -4.58 22.78
CA VAL B 69 17.70 -4.01 21.44
C VAL B 69 18.38 -5.02 20.51
N MET B 70 17.77 -5.22 19.33
CA MET B 70 18.30 -6.12 18.32
C MET B 70 19.58 -5.53 17.72
N THR B 71 20.65 -6.33 17.72
CA THR B 71 21.98 -5.96 17.25
C THR B 71 22.09 -6.23 15.75
N ARG B 72 21.81 -7.47 15.37
CA ARG B 72 21.85 -7.90 13.98
C ARG B 72 21.15 -9.25 13.86
N GLY B 73 21.00 -9.72 12.62
CA GLY B 73 20.42 -11.02 12.32
C GLY B 73 21.25 -11.73 11.25
N GLU B 74 21.27 -13.07 11.35
CA GLU B 74 22.10 -13.88 10.48
C GLU B 74 21.45 -15.25 10.34
N GLY B 75 21.30 -15.72 9.09
CA GLY B 75 20.66 -16.99 8.81
C GLY B 75 19.24 -17.07 9.38
N VAL B 76 19.10 -17.74 10.54
CA VAL B 76 17.81 -17.95 11.18
C VAL B 76 17.80 -17.31 12.57
N TYR B 77 18.90 -16.61 12.91
CA TYR B 77 19.11 -16.16 14.28
C TYR B 77 19.09 -14.63 14.35
N LEU B 78 18.63 -14.11 15.50
CA LEU B 78 18.77 -12.70 15.81
C LEU B 78 19.50 -12.58 17.15
N TRP B 79 20.32 -11.53 17.28
CA TRP B 79 21.10 -11.27 18.49
C TRP B 79 20.64 -9.98 19.14
N ASP B 80 20.64 -9.94 20.49
CA ASP B 80 20.23 -8.77 21.25
C ASP B 80 21.44 -8.01 21.79
N SER B 81 21.15 -6.94 22.54
CA SER B 81 22.15 -6.03 23.10
C SER B 81 22.81 -6.65 24.33
N GLU B 82 22.09 -7.56 25.00
CA GLU B 82 22.60 -8.26 26.16
C GLU B 82 23.46 -9.45 25.72
N GLY B 83 23.53 -9.68 24.40
CA GLY B 83 24.38 -10.71 23.81
C GLY B 83 23.72 -12.08 23.66
N ASN B 84 22.37 -12.13 23.82
CA ASN B 84 21.61 -13.36 23.66
C ASN B 84 21.31 -13.60 22.18
N LYS B 85 21.22 -14.88 21.78
CA LYS B 85 20.86 -15.29 20.43
C LYS B 85 19.42 -15.82 20.44
N ILE B 86 18.61 -15.37 19.47
CA ILE B 86 17.19 -15.73 19.39
C ILE B 86 16.95 -16.43 18.06
N ILE B 87 16.28 -17.60 18.12
CA ILE B 87 15.87 -18.34 16.93
C ILE B 87 14.57 -17.71 16.42
N ASP B 88 14.58 -17.27 15.15
CA ASP B 88 13.37 -16.71 14.56
C ASP B 88 12.61 -17.81 13.80
N GLY B 89 11.72 -18.49 14.53
CA GLY B 89 10.91 -19.54 13.94
C GLY B 89 9.80 -18.99 13.05
N MET B 90 9.76 -17.66 12.88
CA MET B 90 8.69 -17.03 12.12
C MET B 90 9.20 -16.30 10.88
N ALA B 91 10.53 -16.12 10.75
CA ALA B 91 11.14 -15.52 9.58
C ALA B 91 10.62 -14.10 9.33
N GLY B 92 10.69 -13.28 10.39
CA GLY B 92 10.10 -11.95 10.39
C GLY B 92 8.58 -12.06 10.45
N LEU B 93 7.91 -11.52 9.42
CA LEU B 93 6.47 -11.69 9.31
C LEU B 93 6.19 -12.68 8.19
N TRP B 94 6.64 -13.93 8.40
CA TRP B 94 6.44 -15.07 7.52
C TRP B 94 7.12 -14.88 6.17
N CYS B 95 8.09 -13.95 6.07
CA CYS B 95 8.52 -13.50 4.75
C CYS B 95 10.04 -13.58 4.54
N VAL B 96 10.82 -13.71 5.62
CA VAL B 96 12.27 -13.70 5.43
C VAL B 96 12.72 -15.09 4.97
N ASN B 97 12.49 -15.36 3.68
CA ASN B 97 12.53 -16.71 3.16
C ASN B 97 13.97 -17.21 3.03
N VAL B 98 14.87 -16.33 2.59
CA VAL B 98 16.28 -16.65 2.33
C VAL B 98 17.11 -16.41 3.59
N GLY B 99 16.44 -16.14 4.72
CA GLY B 99 17.11 -15.86 5.98
C GLY B 99 17.86 -14.53 5.95
N TYR B 100 18.33 -14.11 7.14
CA TYR B 100 18.93 -12.80 7.32
C TYR B 100 20.35 -12.77 6.77
N GLY B 101 20.84 -11.54 6.51
CA GLY B 101 22.25 -11.22 6.36
C GLY B 101 22.72 -11.17 4.91
N ARG B 102 21.78 -11.14 3.95
CA ARG B 102 22.12 -11.22 2.55
C ARG B 102 22.73 -9.91 2.05
N LYS B 103 24.04 -9.73 2.30
CA LYS B 103 24.78 -8.53 1.91
C LYS B 103 24.65 -8.30 0.41
N ASP B 104 24.41 -9.36 -0.35
CA ASP B 104 24.38 -9.23 -1.80
C ASP B 104 23.15 -8.40 -2.22
N PHE B 105 22.13 -8.35 -1.35
CA PHE B 105 20.88 -7.65 -1.59
C PHE B 105 21.09 -6.15 -1.42
N ALA B 106 21.79 -5.78 -0.33
CA ALA B 106 22.27 -4.42 -0.11
C ALA B 106 22.93 -3.88 -1.38
N GLU B 107 23.79 -4.69 -2.01
CA GLU B 107 24.57 -4.31 -3.18
C GLU B 107 23.67 -4.13 -4.41
N ALA B 108 22.65 -4.99 -4.55
CA ALA B 108 21.75 -4.86 -5.69
C ALA B 108 20.94 -3.58 -5.55
N ALA B 109 20.60 -3.25 -4.29
CA ALA B 109 19.92 -2.01 -3.92
C ALA B 109 20.82 -0.82 -4.25
N ARG B 110 22.03 -0.81 -3.66
CA ARG B 110 22.98 0.27 -3.83
C ARG B 110 23.16 0.55 -5.32
N ARG B 111 23.42 -0.50 -6.09
CA ARG B 111 23.70 -0.34 -7.51
C ARG B 111 22.53 0.32 -8.22
N GLN B 112 21.31 -0.14 -7.91
CA GLN B 112 20.12 0.30 -8.64
C GLN B 112 19.77 1.75 -8.29
N MET B 113 19.92 2.09 -7.01
CA MET B 113 19.66 3.45 -6.54
C MET B 113 20.65 4.44 -7.18
N GLU B 114 21.91 4.01 -7.33
CA GLU B 114 22.98 4.81 -7.92
C GLU B 114 22.73 5.06 -9.40
N GLU B 115 22.40 4.00 -10.14
CA GLU B 115 22.40 4.03 -11.59
C GLU B 115 21.10 4.61 -12.16
N LEU B 116 19.95 4.10 -11.69
CA LEU B 116 18.66 4.45 -12.29
C LEU B 116 17.55 4.08 -11.30
N PRO B 117 17.35 4.86 -10.21
CA PRO B 117 16.33 4.54 -9.22
C PRO B 117 14.89 4.86 -9.65
N PHE B 118 14.76 5.50 -10.82
CA PHE B 118 13.45 5.91 -11.34
C PHE B 118 13.33 5.54 -12.82
N TYR B 119 12.08 5.42 -13.27
CA TYR B 119 11.76 5.51 -14.68
C TYR B 119 10.65 6.55 -14.82
N ASN B 120 10.34 6.91 -16.06
CA ASN B 120 9.34 7.93 -16.31
C ASN B 120 8.41 7.43 -17.40
N THR B 121 7.12 7.77 -17.23
CA THR B 121 6.05 7.35 -18.13
C THR B 121 6.20 8.12 -19.45
N PHE B 122 7.11 9.09 -19.47
CA PHE B 122 7.43 9.82 -20.68
C PHE B 122 7.96 8.82 -21.72
N PHE B 123 8.64 7.78 -21.23
CA PHE B 123 9.50 6.93 -22.04
C PHE B 123 8.75 5.82 -22.76
N LYS B 124 7.55 5.48 -22.28
CA LYS B 124 6.65 4.52 -22.93
C LYS B 124 7.25 3.11 -22.91
N THR B 125 8.34 2.91 -22.16
CA THR B 125 8.94 1.60 -21.94
C THR B 125 8.87 1.25 -20.46
N THR B 126 9.37 0.07 -20.10
CA THR B 126 9.43 -0.41 -18.72
C THR B 126 10.89 -0.37 -18.26
N HIS B 127 11.12 0.09 -17.02
CA HIS B 127 12.45 0.09 -16.44
C HIS B 127 13.08 -1.30 -16.55
N PRO B 128 14.34 -1.44 -17.03
CA PRO B 128 14.98 -2.75 -17.19
C PRO B 128 15.00 -3.68 -15.98
N ALA B 129 15.09 -3.11 -14.77
CA ALA B 129 15.09 -3.89 -13.54
C ALA B 129 13.72 -4.49 -13.25
N VAL B 130 12.67 -3.94 -13.88
CA VAL B 130 11.32 -4.46 -13.73
C VAL B 130 11.09 -5.57 -14.77
N VAL B 131 11.48 -5.30 -16.03
CA VAL B 131 11.43 -6.29 -17.11
C VAL B 131 12.14 -7.57 -16.68
N GLU B 132 13.35 -7.42 -16.12
CA GLU B 132 14.18 -8.50 -15.59
C GLU B 132 13.39 -9.33 -14.57
N LEU B 133 12.81 -8.65 -13.57
CA LEU B 133 12.04 -9.31 -12.52
C LEU B 133 10.90 -10.09 -13.15
N SER B 134 10.20 -9.48 -14.12
CA SER B 134 9.04 -10.08 -14.74
C SER B 134 9.44 -11.35 -15.48
N SER B 135 10.54 -11.27 -16.25
CA SER B 135 11.06 -12.38 -17.03
C SER B 135 11.40 -13.57 -16.14
N LEU B 136 12.06 -13.29 -15.00
CA LEU B 136 12.45 -14.33 -14.06
C LEU B 136 11.21 -14.91 -13.38
N LEU B 137 10.26 -14.03 -13.00
CA LEU B 137 9.05 -14.51 -12.33
C LEU B 137 8.27 -15.45 -13.24
N ALA B 138 8.13 -15.09 -14.52
CA ALA B 138 7.41 -15.90 -15.50
C ALA B 138 8.01 -17.31 -15.58
N GLU B 139 9.30 -17.44 -15.27
CA GLU B 139 10.03 -18.69 -15.34
C GLU B 139 9.68 -19.63 -14.18
N VAL B 140 9.28 -19.06 -13.04
CA VAL B 140 9.08 -19.84 -11.83
C VAL B 140 7.58 -19.97 -11.49
N THR B 141 6.74 -19.20 -12.17
CA THR B 141 5.32 -19.19 -11.90
C THR B 141 4.65 -20.13 -12.89
N PRO B 142 3.47 -20.70 -12.56
CA PRO B 142 2.80 -21.65 -13.46
C PRO B 142 2.48 -21.01 -14.80
N ALA B 143 2.07 -21.83 -15.76
CA ALA B 143 1.72 -21.40 -17.10
C ALA B 143 0.51 -20.46 -17.05
N GLY B 144 0.56 -19.39 -17.84
CA GLY B 144 -0.58 -18.51 -18.04
C GLY B 144 -0.55 -17.25 -17.16
N PHE B 145 0.52 -17.08 -16.37
CA PHE B 145 0.66 -15.93 -15.48
C PHE B 145 1.68 -14.94 -16.03
N ASP B 146 1.35 -14.40 -17.21
CA ASP B 146 2.21 -13.54 -17.99
C ASP B 146 2.13 -12.09 -17.51
N ARG B 147 0.91 -11.63 -17.20
CA ARG B 147 0.71 -10.26 -16.76
C ARG B 147 0.94 -10.17 -15.25
N VAL B 148 1.76 -9.20 -14.82
CA VAL B 148 2.04 -8.98 -13.41
C VAL B 148 1.84 -7.49 -13.15
N PHE B 149 1.24 -7.17 -12.00
CA PHE B 149 1.00 -5.80 -11.55
C PHE B 149 1.67 -5.68 -10.19
N TYR B 150 2.66 -4.80 -10.10
CA TYR B 150 3.45 -4.67 -8.87
C TYR B 150 2.78 -3.63 -7.96
N THR B 151 2.92 -3.85 -6.65
CA THR B 151 2.42 -2.96 -5.62
C THR B 151 3.52 -2.83 -4.58
N ASN B 152 3.25 -2.18 -3.44
CA ASN B 152 4.27 -2.01 -2.41
C ASN B 152 4.08 -3.00 -1.28
N SER B 153 3.00 -3.80 -1.35
CA SER B 153 2.64 -4.61 -0.20
C SER B 153 1.58 -5.64 -0.57
N GLY B 154 1.43 -6.63 0.33
CA GLY B 154 0.40 -7.65 0.26
C GLY B 154 -1.00 -7.02 0.33
N SER B 155 -1.13 -6.01 1.19
CA SER B 155 -2.40 -5.34 1.41
C SER B 155 -2.87 -4.63 0.14
N GLU B 156 -1.95 -3.92 -0.52
CA GLU B 156 -2.23 -3.28 -1.79
C GLU B 156 -2.53 -4.32 -2.87
N SER B 157 -1.80 -5.45 -2.86
CA SER B 157 -2.00 -6.49 -3.86
C SER B 157 -3.44 -6.98 -3.78
N VAL B 158 -3.94 -7.16 -2.55
CA VAL B 158 -5.30 -7.63 -2.31
C VAL B 158 -6.29 -6.60 -2.87
N ASP B 159 -6.09 -5.37 -2.44
CA ASP B 159 -6.90 -4.24 -2.87
C ASP B 159 -6.95 -4.14 -4.40
N THR B 160 -5.80 -4.26 -5.07
CA THR B 160 -5.75 -4.17 -6.53
C THR B 160 -6.52 -5.33 -7.14
N MET B 161 -6.31 -6.52 -6.56
CA MET B 161 -6.96 -7.75 -6.99
C MET B 161 -8.48 -7.54 -6.96
N ILE B 162 -8.97 -6.93 -5.87
CA ILE B 162 -10.41 -6.73 -5.72
C ILE B 162 -10.90 -5.87 -6.88
N ARG B 163 -10.19 -4.76 -7.16
CA ARG B 163 -10.65 -3.83 -8.18
C ARG B 163 -10.55 -4.51 -9.54
N MET B 164 -9.55 -5.38 -9.72
CA MET B 164 -9.34 -6.07 -10.99
C MET B 164 -10.48 -7.03 -11.26
N VAL B 165 -10.95 -7.70 -10.20
CA VAL B 165 -11.94 -8.74 -10.32
C VAL B 165 -13.23 -8.06 -10.75
N ARG B 166 -13.57 -6.97 -10.06
CA ARG B 166 -14.79 -6.22 -10.31
C ARG B 166 -14.75 -5.63 -11.71
N ARG B 167 -13.62 -5.05 -12.09
CA ARG B 167 -13.47 -4.44 -13.40
C ARG B 167 -13.61 -5.48 -14.51
N TYR B 168 -13.09 -6.70 -14.26
CA TYR B 168 -13.17 -7.78 -15.24
C TYR B 168 -14.63 -8.06 -15.61
N TRP B 169 -15.49 -8.21 -14.59
CA TRP B 169 -16.90 -8.50 -14.78
C TRP B 169 -17.63 -7.35 -15.48
N ASP B 170 -17.31 -6.10 -15.12
CA ASP B 170 -17.78 -4.92 -15.84
C ASP B 170 -17.55 -5.09 -17.34
N VAL B 171 -16.31 -5.39 -17.72
CA VAL B 171 -15.90 -5.52 -19.11
C VAL B 171 -16.74 -6.62 -19.79
N GLN B 172 -17.10 -7.65 -19.01
CA GLN B 172 -17.80 -8.82 -19.55
C GLN B 172 -19.29 -8.52 -19.75
N GLY B 173 -19.71 -7.31 -19.37
CA GLY B 173 -21.09 -6.89 -19.46
C GLY B 173 -21.93 -7.46 -18.32
N LYS B 174 -21.28 -7.76 -17.19
CA LYS B 174 -21.95 -8.33 -16.04
C LYS B 174 -21.57 -7.51 -14.80
N PRO B 175 -21.98 -6.22 -14.74
CA PRO B 175 -21.52 -5.30 -13.69
C PRO B 175 -22.06 -5.57 -12.29
N GLU B 176 -23.01 -6.50 -12.17
CA GLU B 176 -23.65 -6.83 -10.89
C GLU B 176 -22.91 -7.99 -10.23
N LYS B 177 -21.96 -8.61 -10.95
CA LYS B 177 -21.07 -9.60 -10.38
C LYS B 177 -19.97 -8.89 -9.61
N LYS B 178 -20.23 -8.64 -8.31
CA LYS B 178 -19.45 -7.69 -7.54
C LYS B 178 -19.02 -8.27 -6.19
N THR B 179 -19.70 -9.32 -5.74
CA THR B 179 -19.48 -9.84 -4.39
C THR B 179 -18.31 -10.82 -4.41
N LEU B 180 -17.36 -10.61 -3.51
CA LEU B 180 -16.28 -11.58 -3.33
C LEU B 180 -16.56 -12.33 -2.02
N ILE B 181 -16.25 -13.61 -2.03
CA ILE B 181 -16.48 -14.45 -0.87
C ILE B 181 -15.14 -14.83 -0.27
N GLY B 182 -15.02 -14.65 1.05
CA GLY B 182 -13.86 -15.06 1.81
C GLY B 182 -14.27 -16.01 2.93
N ARG B 183 -13.41 -16.15 3.95
CA ARG B 183 -13.66 -17.07 5.04
C ARG B 183 -13.48 -16.38 6.39
N TRP B 184 -14.28 -16.79 7.37
CA TRP B 184 -14.03 -16.43 8.75
C TRP B 184 -12.64 -16.95 9.12
N ASN B 185 -11.91 -16.15 9.91
CA ASN B 185 -10.55 -16.48 10.33
C ASN B 185 -9.59 -16.45 9.14
N GLY B 186 -10.07 -15.95 7.99
CA GLY B 186 -9.17 -15.59 6.88
C GLY B 186 -8.56 -14.20 7.10
N TYR B 187 -7.35 -14.00 6.56
CA TYR B 187 -6.70 -12.70 6.61
C TYR B 187 -6.17 -12.33 5.22
N HIS B 188 -6.57 -11.13 4.75
CA HIS B 188 -6.17 -10.65 3.42
C HIS B 188 -5.61 -9.23 3.53
N GLY B 189 -5.03 -8.91 4.69
CA GLY B 189 -4.37 -7.63 4.86
C GLY B 189 -5.19 -6.65 5.69
N SER B 190 -4.77 -5.38 5.66
CA SER B 190 -5.17 -4.37 6.62
CA SER B 190 -5.23 -4.40 6.63
C SER B 190 -5.92 -3.22 5.93
N THR B 191 -6.00 -3.24 4.60
CA THR B 191 -6.81 -2.22 3.94
C THR B 191 -8.26 -2.42 4.36
N ILE B 192 -9.13 -1.43 4.09
CA ILE B 192 -10.57 -1.61 4.24
C ILE B 192 -11.01 -2.81 3.39
N GLY B 193 -10.64 -2.78 2.10
CA GLY B 193 -10.93 -3.84 1.13
C GLY B 193 -10.55 -5.22 1.66
N GLY B 194 -9.28 -5.36 2.06
CA GLY B 194 -8.71 -6.62 2.52
C GLY B 194 -9.27 -7.09 3.86
N ALA B 195 -9.53 -6.15 4.77
CA ALA B 195 -10.03 -6.45 6.11
C ALA B 195 -11.48 -6.94 6.04
N SER B 196 -12.22 -6.39 5.06
CA SER B 196 -13.63 -6.74 4.85
C SER B 196 -13.74 -8.09 4.14
N LEU B 197 -12.69 -8.47 3.40
CA LEU B 197 -12.62 -9.77 2.72
C LEU B 197 -12.20 -10.85 3.72
N GLY B 198 -11.18 -10.51 4.53
CA GLY B 198 -10.74 -11.35 5.64
C GLY B 198 -11.85 -11.50 6.69
N GLY B 199 -11.77 -12.59 7.46
CA GLY B 199 -12.83 -12.95 8.39
C GLY B 199 -12.40 -12.91 9.86
N MET B 200 -11.38 -12.09 10.18
CA MET B 200 -11.04 -11.92 11.59
C MET B 200 -12.18 -11.14 12.22
N LYS B 201 -12.79 -11.70 13.28
CA LYS B 201 -13.99 -11.10 13.84
C LYS B 201 -13.61 -9.88 14.70
N TYR B 202 -12.30 -9.64 14.86
CA TYR B 202 -11.78 -8.46 15.52
C TYR B 202 -11.46 -7.34 14.51
N MET B 203 -11.98 -7.49 13.30
CA MET B 203 -12.06 -6.40 12.32
C MET B 203 -13.38 -6.50 11.55
N HIS B 204 -14.40 -7.06 12.21
CA HIS B 204 -15.65 -7.48 11.58
C HIS B 204 -16.82 -7.41 12.55
N GLU B 205 -16.99 -6.25 13.22
CA GLU B 205 -18.11 -6.05 14.12
C GLU B 205 -19.02 -4.94 13.58
N GLN B 206 -19.75 -4.29 14.51
CA GLN B 206 -20.56 -3.12 14.24
C GLN B 206 -19.65 -1.95 13.89
N GLY B 207 -19.62 -1.59 12.61
CA GLY B 207 -18.84 -0.45 12.13
C GLY B 207 -18.82 -0.39 10.60
N ASP B 208 -17.60 -0.17 10.07
CA ASP B 208 -17.39 0.02 8.63
C ASP B 208 -17.31 -1.33 7.91
N LEU B 209 -16.65 -2.31 8.55
CA LEU B 209 -16.32 -3.58 7.91
C LEU B 209 -17.38 -4.62 8.25
N PRO B 210 -17.90 -5.38 7.26
CA PRO B 210 -17.43 -5.32 5.87
C PRO B 210 -18.18 -4.35 4.97
N ILE B 211 -17.49 -3.87 3.92
CA ILE B 211 -18.09 -3.15 2.81
C ILE B 211 -19.03 -4.10 2.08
N PRO B 212 -20.09 -3.63 1.37
CA PRO B 212 -20.94 -4.54 0.61
C PRO B 212 -20.11 -5.18 -0.50
N GLY B 213 -20.63 -6.28 -1.07
CA GLY B 213 -19.90 -7.05 -2.06
C GLY B 213 -18.83 -7.93 -1.42
N MET B 214 -19.00 -8.18 -0.12
CA MET B 214 -18.13 -9.06 0.63
C MET B 214 -19.03 -10.03 1.40
N ALA B 215 -18.75 -11.33 1.24
CA ALA B 215 -19.39 -12.33 2.08
C ALA B 215 -18.32 -13.30 2.60
N HIS B 216 -18.71 -14.14 3.56
CA HIS B 216 -17.81 -15.05 4.25
C HIS B 216 -18.47 -16.41 4.39
N ILE B 217 -17.66 -17.47 4.24
CA ILE B 217 -18.07 -18.80 4.63
C ILE B 217 -17.17 -19.23 5.77
N GLU B 218 -17.58 -20.30 6.49
CA GLU B 218 -16.81 -20.87 7.58
C GLU B 218 -15.50 -21.46 7.05
N GLN B 219 -14.47 -21.51 7.92
CA GLN B 219 -13.17 -22.03 7.51
C GLN B 219 -13.16 -23.56 7.58
N PRO B 220 -12.43 -24.25 6.66
CA PRO B 220 -12.32 -25.70 6.72
C PRO B 220 -11.41 -26.17 7.85
N TRP B 221 -11.81 -25.84 9.09
CA TRP B 221 -11.07 -26.23 10.29
C TRP B 221 -11.63 -27.51 10.87
N TRP B 222 -10.98 -28.64 10.57
CA TRP B 222 -11.49 -29.96 10.90
C TRP B 222 -11.69 -30.15 12.40
N TYR B 223 -10.70 -29.76 13.21
CA TYR B 223 -10.70 -30.04 14.63
C TYR B 223 -11.96 -29.49 15.31
N LYS B 224 -12.52 -28.39 14.78
CA LYS B 224 -13.67 -27.78 15.41
C LYS B 224 -14.96 -28.15 14.67
N HIS B 225 -14.91 -28.22 13.34
CA HIS B 225 -16.12 -28.33 12.53
C HIS B 225 -16.28 -29.72 11.91
N GLY B 226 -15.28 -30.59 12.11
CA GLY B 226 -15.24 -31.91 11.49
C GLY B 226 -16.37 -32.83 11.95
N LYS B 227 -16.78 -32.68 13.22
CA LYS B 227 -17.75 -33.55 13.87
C LYS B 227 -17.23 -34.98 13.82
N ASP B 228 -17.95 -35.87 13.11
CA ASP B 228 -17.66 -37.29 13.07
C ASP B 228 -17.10 -37.67 11.71
N MET B 229 -16.94 -36.68 10.84
CA MET B 229 -16.48 -36.88 9.47
C MET B 229 -14.97 -37.05 9.48
N THR B 230 -14.45 -37.77 8.48
CA THR B 230 -13.03 -37.82 8.23
C THR B 230 -12.62 -36.51 7.57
N PRO B 231 -11.33 -36.08 7.67
CA PRO B 231 -10.83 -34.95 6.89
C PRO B 231 -11.39 -34.92 5.47
N ASP B 232 -11.08 -35.94 4.65
CA ASP B 232 -11.48 -35.93 3.25
C ASP B 232 -12.98 -35.65 3.13
N GLU B 233 -13.77 -36.21 4.06
CA GLU B 233 -15.22 -36.07 4.04
C GLU B 233 -15.59 -34.63 4.36
N PHE B 234 -15.05 -34.13 5.48
CA PHE B 234 -15.26 -32.75 5.93
C PHE B 234 -14.86 -31.77 4.84
N GLY B 235 -13.79 -32.11 4.11
CA GLY B 235 -13.30 -31.33 2.99
C GLY B 235 -14.39 -31.02 1.98
N VAL B 236 -15.20 -32.04 1.64
CA VAL B 236 -16.26 -31.86 0.65
C VAL B 236 -17.35 -30.96 1.25
N VAL B 237 -17.67 -31.20 2.52
CA VAL B 237 -18.68 -30.39 3.20
C VAL B 237 -18.19 -28.95 3.25
N ALA B 238 -16.98 -28.73 3.80
CA ALA B 238 -16.44 -27.41 4.08
C ALA B 238 -16.42 -26.56 2.80
N ALA B 239 -16.04 -27.18 1.69
CA ALA B 239 -16.05 -26.55 0.38
C ALA B 239 -17.47 -26.24 -0.08
N ARG B 240 -18.42 -27.13 0.21
CA ARG B 240 -19.78 -26.98 -0.29
C ARG B 240 -20.46 -25.76 0.31
N TRP B 241 -19.92 -25.27 1.45
CA TRP B 241 -20.33 -24.01 2.03
C TRP B 241 -20.20 -22.87 1.02
N LEU B 242 -19.24 -22.98 0.10
CA LEU B 242 -19.11 -22.01 -0.97
C LEU B 242 -20.32 -22.11 -1.90
N GLU B 243 -20.76 -23.34 -2.22
CA GLU B 243 -21.92 -23.53 -3.07
C GLU B 243 -23.17 -22.96 -2.40
N GLU B 244 -23.29 -23.18 -1.08
CA GLU B 244 -24.44 -22.68 -0.34
C GLU B 244 -24.47 -21.16 -0.40
N LYS B 245 -23.33 -20.52 -0.09
CA LYS B 245 -23.24 -19.08 -0.05
C LYS B 245 -23.52 -18.49 -1.43
N ILE B 246 -22.95 -19.09 -2.49
CA ILE B 246 -23.18 -18.61 -3.85
C ILE B 246 -24.68 -18.63 -4.15
N LEU B 247 -25.32 -19.78 -3.89
CA LEU B 247 -26.72 -19.97 -4.24
C LEU B 247 -27.57 -19.01 -3.41
N GLU B 248 -27.17 -18.81 -2.16
CA GLU B 248 -27.87 -17.92 -1.25
C GLU B 248 -27.83 -16.48 -1.76
N ILE B 249 -26.69 -16.07 -2.35
CA ILE B 249 -26.47 -14.71 -2.80
C ILE B 249 -27.01 -14.52 -4.22
N GLY B 250 -26.88 -15.55 -5.05
CA GLY B 250 -27.15 -15.47 -6.48
C GLY B 250 -25.83 -15.45 -7.26
N ALA B 251 -25.61 -16.48 -8.09
CA ALA B 251 -24.38 -16.68 -8.84
C ALA B 251 -24.07 -15.45 -9.68
N ASP B 252 -25.12 -14.74 -10.09
CA ASP B 252 -25.01 -13.61 -11.00
C ASP B 252 -24.49 -12.38 -10.26
N LYS B 253 -24.34 -12.49 -8.93
CA LYS B 253 -23.91 -11.37 -8.09
C LYS B 253 -22.52 -11.64 -7.48
N VAL B 254 -21.96 -12.84 -7.71
CA VAL B 254 -20.72 -13.28 -7.10
C VAL B 254 -19.55 -13.14 -8.08
N ALA B 255 -18.54 -12.35 -7.73
CA ALA B 255 -17.40 -12.07 -8.59
C ALA B 255 -16.29 -13.13 -8.44
N ALA B 256 -16.02 -13.58 -7.20
CA ALA B 256 -14.82 -14.38 -6.97
C ALA B 256 -14.85 -14.99 -5.58
N PHE B 257 -14.15 -16.13 -5.42
CA PHE B 257 -13.76 -16.65 -4.12
C PHE B 257 -12.26 -16.45 -3.95
N VAL B 258 -11.88 -15.93 -2.77
CA VAL B 258 -10.49 -15.61 -2.45
C VAL B 258 -10.10 -16.42 -1.22
N GLY B 259 -8.95 -17.11 -1.25
CA GLY B 259 -8.50 -17.83 -0.07
C GLY B 259 -6.99 -18.03 -0.05
N GLU B 260 -6.40 -17.97 1.15
CA GLU B 260 -5.03 -18.43 1.36
C GLU B 260 -5.01 -19.96 1.24
N PRO B 261 -4.12 -20.57 0.43
CA PRO B 261 -4.03 -22.03 0.34
C PRO B 261 -4.06 -22.69 1.73
N ILE B 262 -3.22 -22.19 2.65
CA ILE B 262 -3.30 -22.52 4.06
C ILE B 262 -3.53 -21.19 4.77
N GLN B 263 -4.50 -21.12 5.67
CA GLN B 263 -4.71 -19.89 6.42
C GLN B 263 -3.54 -19.67 7.37
N GLY B 264 -2.71 -18.66 7.08
CA GLY B 264 -1.58 -18.25 7.91
C GLY B 264 -2.02 -17.71 9.27
N ALA B 265 -2.40 -16.42 9.32
CA ALA B 265 -2.67 -15.70 10.57
C ALA B 265 -3.89 -16.28 11.30
N GLY B 266 -4.66 -17.12 10.60
CA GLY B 266 -5.76 -17.86 11.20
C GLY B 266 -5.26 -19.01 12.10
N GLY B 267 -3.97 -19.36 11.95
CA GLY B 267 -3.32 -20.36 12.78
C GLY B 267 -2.92 -21.60 11.97
N VAL B 268 -2.50 -21.40 10.72
CA VAL B 268 -2.01 -22.46 9.84
C VAL B 268 -3.05 -23.58 9.81
N ILE B 269 -4.30 -23.22 9.49
CA ILE B 269 -5.37 -24.18 9.29
C ILE B 269 -5.10 -24.83 7.92
N VAL B 270 -4.69 -26.12 7.92
CA VAL B 270 -4.42 -26.83 6.69
C VAL B 270 -5.70 -27.51 6.22
N PRO B 271 -6.20 -27.23 4.99
CA PRO B 271 -7.47 -27.80 4.55
C PRO B 271 -7.27 -29.27 4.16
N PRO B 272 -8.30 -30.13 4.34
CA PRO B 272 -8.24 -31.51 3.84
C PRO B 272 -7.87 -31.50 2.37
N ALA B 273 -7.39 -32.64 1.87
CA ALA B 273 -6.88 -32.78 0.51
C ALA B 273 -8.02 -32.65 -0.52
N THR B 274 -9.26 -32.78 -0.05
CA THR B 274 -10.43 -32.81 -0.94
C THR B 274 -10.97 -31.40 -1.17
N TYR B 275 -10.54 -30.46 -0.30
CA TYR B 275 -11.14 -29.15 -0.17
C TYR B 275 -11.00 -28.35 -1.45
N TRP B 276 -9.75 -28.10 -1.84
CA TRP B 276 -9.46 -27.14 -2.90
C TRP B 276 -9.99 -27.59 -4.25
N PRO B 277 -9.87 -28.88 -4.68
CA PRO B 277 -10.40 -29.29 -5.98
C PRO B 277 -11.92 -29.09 -6.07
N GLU B 278 -12.61 -29.29 -4.92
CA GLU B 278 -14.03 -29.01 -4.77
C GLU B 278 -14.36 -27.51 -4.87
N ILE B 279 -13.62 -26.67 -4.13
CA ILE B 279 -13.74 -25.22 -4.24
C ILE B 279 -13.70 -24.84 -5.73
N GLU B 280 -12.67 -25.29 -6.45
CA GLU B 280 -12.47 -24.92 -7.85
C GLU B 280 -13.64 -25.40 -8.73
N ARG B 281 -14.13 -26.61 -8.47
CA ARG B 281 -15.23 -27.17 -9.24
C ARG B 281 -16.44 -26.24 -9.12
N ILE B 282 -16.70 -25.79 -7.88
CA ILE B 282 -17.82 -24.91 -7.57
C ILE B 282 -17.63 -23.57 -8.27
N CYS B 283 -16.43 -22.98 -8.19
CA CYS B 283 -16.19 -21.70 -8.83
C CYS B 283 -16.51 -21.81 -10.32
N ARG B 284 -15.99 -22.86 -10.96
CA ARG B 284 -16.13 -23.03 -12.40
C ARG B 284 -17.60 -23.27 -12.73
N LYS B 285 -18.26 -24.12 -11.91
CA LYS B 285 -19.68 -24.38 -12.08
C LYS B 285 -20.48 -23.09 -12.23
N TYR B 286 -20.22 -22.12 -11.34
CA TYR B 286 -21.04 -20.92 -11.22
C TYR B 286 -20.41 -19.70 -11.87
N ASP B 287 -19.33 -19.90 -12.64
CA ASP B 287 -18.69 -18.84 -13.40
C ASP B 287 -18.18 -17.74 -12.43
N VAL B 288 -17.53 -18.16 -11.34
CA VAL B 288 -16.99 -17.29 -10.30
C VAL B 288 -15.47 -17.38 -10.38
N LEU B 289 -14.75 -16.25 -10.35
CA LEU B 289 -13.28 -16.32 -10.42
C LEU B 289 -12.73 -16.95 -9.14
N LEU B 290 -11.54 -17.58 -9.23
CA LEU B 290 -10.90 -18.19 -8.08
C LEU B 290 -9.54 -17.51 -7.88
N VAL B 291 -9.30 -17.02 -6.66
CA VAL B 291 -8.13 -16.22 -6.34
C VAL B 291 -7.42 -16.85 -5.15
N ALA B 292 -6.10 -17.11 -5.31
CA ALA B 292 -5.29 -17.57 -4.19
C ALA B 292 -4.57 -16.37 -3.58
N ASP B 293 -4.55 -16.28 -2.25
CA ASP B 293 -3.74 -15.26 -1.60
C ASP B 293 -2.44 -15.93 -1.15
N GLU B 294 -1.37 -15.74 -1.94
CA GLU B 294 -0.10 -16.40 -1.68
C GLU B 294 0.83 -15.55 -0.82
N VAL B 295 0.28 -14.56 -0.11
CA VAL B 295 1.06 -13.70 0.77
C VAL B 295 2.05 -14.50 1.63
N ILE B 296 1.58 -15.58 2.27
CA ILE B 296 2.39 -16.34 3.22
C ILE B 296 2.89 -17.63 2.56
N CYS B 297 2.08 -18.22 1.67
CA CYS B 297 2.39 -19.51 1.07
C CYS B 297 3.29 -19.35 -0.15
N GLY B 298 3.54 -18.10 -0.58
CA GLY B 298 4.29 -17.86 -1.80
C GLY B 298 5.80 -17.97 -1.60
N PHE B 299 6.54 -18.11 -2.72
CA PHE B 299 8.00 -18.12 -2.73
C PHE B 299 8.55 -19.24 -1.85
N GLY B 300 7.98 -20.44 -2.02
CA GLY B 300 8.59 -21.69 -1.59
C GLY B 300 8.14 -22.21 -0.22
N ARG B 301 7.21 -21.52 0.46
CA ARG B 301 6.91 -21.83 1.85
C ARG B 301 6.40 -23.27 2.03
N THR B 302 5.64 -23.80 1.07
CA THR B 302 5.08 -25.15 1.19
C THR B 302 5.94 -26.15 0.42
N GLY B 303 7.13 -25.73 0.02
CA GLY B 303 8.02 -26.59 -0.75
C GLY B 303 7.84 -26.37 -2.24
N GLU B 304 6.59 -26.09 -2.65
CA GLU B 304 6.30 -25.65 -4.01
C GLU B 304 6.60 -24.16 -4.10
N TRP B 305 6.60 -23.61 -5.32
CA TRP B 305 6.76 -22.18 -5.49
C TRP B 305 5.61 -21.41 -4.82
N PHE B 306 4.38 -21.93 -4.98
CA PHE B 306 3.14 -21.30 -4.49
C PHE B 306 2.20 -22.34 -3.90
N GLY B 307 1.62 -22.00 -2.74
CA GLY B 307 0.65 -22.83 -2.03
C GLY B 307 -0.35 -23.54 -2.94
N HIS B 308 -0.88 -22.83 -3.95
CA HIS B 308 -1.93 -23.42 -4.76
C HIS B 308 -1.39 -24.59 -5.57
N GLN B 309 -0.10 -24.58 -5.89
CA GLN B 309 0.51 -25.66 -6.66
C GLN B 309 0.50 -26.94 -5.82
N HIS B 310 0.75 -26.78 -4.52
CA HIS B 310 0.76 -27.90 -3.60
C HIS B 310 -0.65 -28.50 -3.44
N PHE B 311 -1.69 -27.66 -3.44
CA PHE B 311 -3.03 -28.17 -3.17
C PHE B 311 -3.69 -28.54 -4.49
N GLY B 312 -3.05 -28.15 -5.60
CA GLY B 312 -3.45 -28.58 -6.93
C GLY B 312 -4.69 -27.87 -7.48
N PHE B 313 -4.79 -26.55 -7.27
CA PHE B 313 -5.82 -25.76 -7.94
C PHE B 313 -5.15 -24.68 -8.78
N GLN B 314 -5.85 -24.22 -9.82
CA GLN B 314 -5.35 -23.19 -10.74
C GLN B 314 -6.18 -21.92 -10.61
N PRO B 315 -5.77 -20.93 -9.78
CA PRO B 315 -6.54 -19.69 -9.59
C PRO B 315 -6.38 -18.80 -10.82
N ASP B 316 -7.36 -17.92 -11.06
CA ASP B 316 -7.36 -17.01 -12.19
C ASP B 316 -6.49 -15.79 -11.89
N LEU B 317 -6.25 -15.51 -10.60
CA LEU B 317 -5.30 -14.50 -10.13
C LEU B 317 -4.74 -14.96 -8.80
N PHE B 318 -3.54 -14.45 -8.43
CA PHE B 318 -3.03 -14.65 -7.09
C PHE B 318 -2.19 -13.46 -6.66
N THR B 319 -2.17 -13.21 -5.35
CA THR B 319 -1.57 -12.02 -4.76
C THR B 319 -0.34 -12.43 -3.97
N ALA B 320 0.68 -11.56 -3.98
CA ALA B 320 1.96 -11.84 -3.36
C ALA B 320 2.41 -10.61 -2.56
N ALA B 321 3.26 -10.83 -1.55
CA ALA B 321 3.72 -9.75 -0.69
C ALA B 321 5.23 -9.86 -0.48
N LYS B 322 5.76 -9.16 0.55
CA LYS B 322 7.19 -8.89 0.68
C LYS B 322 8.07 -10.15 0.66
N GLY B 323 7.46 -11.34 0.81
CA GLY B 323 8.14 -12.61 0.58
C GLY B 323 8.82 -12.65 -0.81
N LEU B 324 8.31 -11.84 -1.74
CA LEU B 324 8.85 -11.69 -3.08
C LEU B 324 10.27 -11.08 -3.01
N SER B 325 10.59 -10.45 -1.88
CA SER B 325 11.86 -9.79 -1.66
C SER B 325 12.47 -10.24 -0.34
N SER B 326 11.92 -11.32 0.24
CA SER B 326 12.28 -11.82 1.55
C SER B 326 12.20 -10.73 2.63
N GLY B 327 11.42 -9.68 2.35
CA GLY B 327 11.13 -8.66 3.35
C GLY B 327 12.18 -7.56 3.37
N TYR B 328 13.16 -7.66 2.46
CA TYR B 328 14.33 -6.79 2.45
C TYR B 328 13.94 -5.36 2.04
N LEU B 329 13.00 -5.22 1.09
CA LEU B 329 12.35 -3.97 0.71
C LEU B 329 10.86 -4.26 0.49
N PRO B 330 9.93 -3.33 0.80
CA PRO B 330 8.49 -3.55 0.55
C PRO B 330 8.17 -3.68 -0.93
N ILE B 331 7.41 -4.71 -1.28
CA ILE B 331 6.96 -4.94 -2.64
C ILE B 331 5.88 -6.01 -2.55
N GLY B 332 4.95 -6.00 -3.51
CA GLY B 332 3.99 -7.08 -3.68
C GLY B 332 3.70 -7.22 -5.18
N ALA B 333 2.79 -8.15 -5.53
CA ALA B 333 2.35 -8.25 -6.91
C ALA B 333 1.01 -8.96 -6.96
N VAL B 334 0.30 -8.75 -8.07
CA VAL B 334 -0.83 -9.57 -8.48
C VAL B 334 -0.40 -10.22 -9.78
N PHE B 335 -0.41 -11.56 -9.80
CA PHE B 335 -0.20 -12.33 -11.01
C PHE B 335 -1.58 -12.63 -11.60
N VAL B 336 -1.75 -12.30 -12.88
CA VAL B 336 -3.04 -12.36 -13.55
C VAL B 336 -2.96 -13.38 -14.68
N GLY B 337 -3.93 -14.29 -14.71
CA GLY B 337 -3.98 -15.38 -15.68
C GLY B 337 -4.49 -14.88 -17.03
N LYS B 338 -4.49 -15.77 -18.03
CA LYS B 338 -4.84 -15.42 -19.39
C LYS B 338 -6.27 -14.91 -19.44
N ARG B 339 -7.19 -15.61 -18.77
CA ARG B 339 -8.62 -15.32 -18.84
C ARG B 339 -8.87 -13.86 -18.46
N VAL B 340 -8.37 -13.46 -17.29
CA VAL B 340 -8.64 -12.17 -16.70
C VAL B 340 -7.77 -11.11 -17.37
N ALA B 341 -6.51 -11.45 -17.66
CA ALA B 341 -5.59 -10.54 -18.34
C ALA B 341 -6.22 -10.03 -19.63
N GLU B 342 -6.65 -10.97 -20.48
CA GLU B 342 -7.31 -10.66 -21.74
C GLU B 342 -8.46 -9.68 -21.48
N GLY B 343 -9.22 -9.92 -20.41
CA GLY B 343 -10.41 -9.15 -20.08
C GLY B 343 -10.10 -7.71 -19.65
N LEU B 344 -9.06 -7.54 -18.83
CA LEU B 344 -8.65 -6.24 -18.30
C LEU B 344 -8.01 -5.38 -19.38
N ILE B 345 -7.41 -6.02 -20.40
CA ILE B 345 -6.72 -5.34 -21.49
C ILE B 345 -7.73 -4.69 -22.42
N ALA B 346 -8.83 -5.42 -22.71
CA ALA B 346 -9.95 -4.91 -23.49
C ALA B 346 -10.57 -3.71 -22.80
N GLY B 347 -10.65 -3.77 -21.46
CA GLY B 347 -11.14 -2.67 -20.64
C GLY B 347 -10.16 -1.51 -20.56
N GLY B 348 -8.86 -1.84 -20.52
CA GLY B 348 -7.77 -0.88 -20.60
C GLY B 348 -7.47 -0.15 -19.28
N ASP B 349 -8.23 -0.48 -18.23
CA ASP B 349 -8.19 0.24 -16.98
C ASP B 349 -6.83 0.09 -16.28
N PHE B 350 -6.15 -1.04 -16.55
CA PHE B 350 -5.03 -1.48 -15.73
C PHE B 350 -3.73 -1.51 -16.54
N ASN B 351 -3.82 -1.13 -17.83
CA ASN B 351 -2.69 -1.14 -18.75
C ASN B 351 -1.49 -0.37 -18.18
N HIS B 352 -1.76 0.75 -17.51
CA HIS B 352 -0.74 1.65 -16.98
C HIS B 352 0.15 0.94 -15.95
N GLY B 353 -0.47 0.12 -15.09
CA GLY B 353 0.26 -0.64 -14.08
C GLY B 353 1.02 -1.82 -14.68
N PHE B 354 0.40 -2.51 -15.65
CA PHE B 354 1.02 -3.66 -16.28
C PHE B 354 2.30 -3.26 -17.01
N THR B 355 2.43 -1.95 -17.29
CA THR B 355 3.54 -1.37 -18.05
C THR B 355 4.53 -0.67 -17.11
N TYR B 356 4.02 0.25 -16.30
CA TYR B 356 4.86 1.19 -15.57
C TYR B 356 4.93 0.85 -14.07
N SER B 357 4.26 -0.23 -13.63
CA SER B 357 4.24 -0.56 -12.22
C SER B 357 5.57 -1.18 -11.81
N GLY B 358 5.95 -0.96 -10.54
CA GLY B 358 7.13 -1.58 -9.96
C GLY B 358 8.19 -0.52 -9.63
N HIS B 359 8.41 -0.30 -8.33
CA HIS B 359 9.52 0.54 -7.91
C HIS B 359 10.84 -0.15 -8.28
N PRO B 360 11.68 0.47 -9.13
CA PRO B 360 12.90 -0.19 -9.63
C PRO B 360 13.88 -0.71 -8.58
N VAL B 361 14.10 0.05 -7.50
CA VAL B 361 15.04 -0.38 -6.48
C VAL B 361 14.52 -1.67 -5.84
N CYS B 362 13.25 -1.62 -5.43
CA CYS B 362 12.54 -2.76 -4.88
C CYS B 362 12.53 -3.93 -5.88
N ALA B 363 12.38 -3.62 -7.18
CA ALA B 363 12.29 -4.65 -8.20
C ALA B 363 13.63 -5.37 -8.31
N ALA B 364 14.73 -4.62 -8.15
CA ALA B 364 16.07 -5.19 -8.27
C ALA B 364 16.37 -6.09 -7.06
N VAL B 365 15.89 -5.70 -5.88
CA VAL B 365 16.10 -6.54 -4.70
C VAL B 365 15.25 -7.81 -4.84
N ALA B 366 14.08 -7.68 -5.47
CA ALA B 366 13.18 -8.82 -5.58
C ALA B 366 13.79 -9.84 -6.53
N HIS B 367 14.39 -9.33 -7.61
CA HIS B 367 15.08 -10.13 -8.61
C HIS B 367 16.17 -10.96 -7.96
N ALA B 368 16.97 -10.32 -7.09
CA ALA B 368 18.07 -10.98 -6.41
C ALA B 368 17.53 -12.14 -5.57
N ASN B 369 16.40 -11.87 -4.89
CA ASN B 369 15.83 -12.79 -3.93
C ASN B 369 15.24 -14.02 -4.63
N VAL B 370 14.65 -13.81 -5.81
CA VAL B 370 14.03 -14.90 -6.55
C VAL B 370 15.13 -15.78 -7.15
N ALA B 371 16.13 -15.13 -7.78
CA ALA B 371 17.33 -15.78 -8.29
C ALA B 371 18.00 -16.62 -7.19
N ALA B 372 18.13 -16.05 -5.98
CA ALA B 372 18.66 -16.85 -4.89
C ALA B 372 17.74 -18.05 -4.66
N LEU B 373 16.43 -17.79 -4.49
CA LEU B 373 15.47 -18.85 -4.18
C LEU B 373 15.60 -20.01 -5.17
N ARG B 374 15.75 -19.69 -6.46
CA ARG B 374 15.87 -20.72 -7.47
C ARG B 374 17.31 -21.24 -7.56
N ASP B 375 18.23 -20.38 -8.04
CA ASP B 375 19.57 -20.78 -8.45
C ASP B 375 20.39 -21.37 -7.30
N GLU B 376 20.02 -21.08 -6.05
CA GLU B 376 20.68 -21.69 -4.90
C GLU B 376 19.89 -22.89 -4.40
N GLY B 377 18.90 -23.33 -5.20
CA GLY B 377 18.01 -24.45 -4.90
C GLY B 377 17.37 -24.43 -3.51
N ILE B 378 16.99 -23.23 -3.04
CA ILE B 378 16.37 -23.07 -1.72
C ILE B 378 14.95 -23.66 -1.74
N VAL B 379 14.23 -23.48 -2.86
CA VAL B 379 12.85 -23.95 -2.98
C VAL B 379 12.84 -25.46 -3.13
N GLN B 380 13.57 -25.97 -4.13
CA GLN B 380 13.78 -27.39 -4.33
C GLN B 380 14.12 -28.07 -3.00
N ARG B 381 14.94 -27.41 -2.19
CA ARG B 381 15.45 -27.96 -0.93
C ARG B 381 14.32 -28.13 0.08
N VAL B 382 13.26 -27.31 -0.06
CA VAL B 382 12.15 -27.39 0.88
C VAL B 382 11.31 -28.61 0.49
N LYS B 383 11.11 -28.78 -0.82
CA LYS B 383 10.38 -29.93 -1.33
C LYS B 383 11.09 -31.22 -0.91
N ASP B 384 12.39 -31.33 -1.24
CA ASP B 384 13.16 -32.57 -1.16
C ASP B 384 13.68 -32.87 0.25
N ASP B 385 14.39 -31.90 0.86
CA ASP B 385 15.20 -32.19 2.03
CA ASP B 385 15.21 -32.15 2.03
C ASP B 385 14.51 -31.67 3.29
N ILE B 386 14.54 -30.34 3.49
CA ILE B 386 14.26 -29.76 4.80
C ILE B 386 12.77 -29.85 5.15
N GLY B 387 11.92 -29.81 4.11
CA GLY B 387 10.47 -29.94 4.30
C GLY B 387 10.11 -31.25 4.99
N PRO B 388 10.23 -32.40 4.29
CA PRO B 388 10.01 -33.72 4.89
C PRO B 388 10.59 -33.83 6.30
N TYR B 389 11.86 -33.41 6.44
CA TYR B 389 12.57 -33.50 7.70
C TYR B 389 11.84 -32.74 8.81
N MET B 390 11.60 -31.44 8.55
CA MET B 390 10.89 -30.59 9.49
C MET B 390 9.56 -31.21 9.89
N GLN B 391 8.79 -31.67 8.89
CA GLN B 391 7.46 -32.23 9.13
C GLN B 391 7.58 -33.44 10.05
N LYS B 392 8.39 -34.42 9.64
CA LYS B 392 8.65 -35.60 10.47
C LYS B 392 9.02 -35.17 11.88
N ARG B 393 10.10 -34.37 11.99
CA ARG B 393 10.62 -33.97 13.29
C ARG B 393 9.57 -33.19 14.07
N TRP B 394 8.83 -32.32 13.37
CA TRP B 394 7.77 -31.51 13.98
C TRP B 394 6.76 -32.42 14.67
N ARG B 395 6.28 -33.43 13.93
CA ARG B 395 5.31 -34.40 14.43
C ARG B 395 5.93 -35.20 15.58
N GLU B 396 7.10 -35.82 15.34
CA GLU B 396 7.83 -36.58 16.35
C GLU B 396 7.80 -35.82 17.69
N THR B 397 8.22 -34.55 17.64
CA THR B 397 8.52 -33.74 18.83
C THR B 397 7.25 -33.44 19.63
N PHE B 398 6.14 -33.17 18.91
CA PHE B 398 5.02 -32.48 19.52
C PHE B 398 3.83 -33.41 19.76
N SER B 399 3.76 -34.50 18.95
CA SER B 399 2.67 -35.46 18.97
C SER B 399 2.38 -35.98 20.38
N ARG B 400 3.43 -36.11 21.19
CA ARG B 400 3.36 -36.91 22.40
C ARG B 400 2.74 -36.15 23.58
N PHE B 401 2.45 -34.85 23.41
CA PHE B 401 2.01 -34.04 24.54
C PHE B 401 0.52 -34.21 24.80
N GLU B 402 0.16 -34.07 26.08
CA GLU B 402 -1.17 -34.35 26.59
C GLU B 402 -2.18 -33.31 26.08
N HIS B 403 -1.77 -32.05 26.01
CA HIS B 403 -2.67 -30.95 25.68
C HIS B 403 -2.32 -30.34 24.32
N VAL B 404 -1.69 -31.13 23.44
CA VAL B 404 -1.27 -30.70 22.11
C VAL B 404 -1.86 -31.65 21.08
N ASP B 405 -2.58 -31.08 20.10
CA ASP B 405 -3.29 -31.88 19.11
C ASP B 405 -3.21 -31.20 17.74
N ASP B 406 -3.89 -31.79 16.75
CA ASP B 406 -3.90 -31.30 15.38
C ASP B 406 -2.51 -30.82 15.01
N VAL B 407 -1.50 -31.64 15.32
CA VAL B 407 -0.15 -31.36 14.85
C VAL B 407 -0.19 -31.46 13.33
N ARG B 408 0.31 -30.43 12.61
CA ARG B 408 0.12 -30.29 11.17
C ARG B 408 1.22 -29.41 10.59
N GLY B 409 1.39 -29.49 9.27
CA GLY B 409 2.40 -28.76 8.53
C GLY B 409 2.63 -29.35 7.12
N VAL B 410 3.21 -28.55 6.24
CA VAL B 410 3.69 -28.91 4.91
C VAL B 410 4.87 -27.99 4.68
N GLY B 411 5.82 -28.38 3.82
CA GLY B 411 7.00 -27.56 3.53
C GLY B 411 7.63 -27.03 4.82
N MET B 412 7.69 -25.70 4.97
CA MET B 412 8.27 -25.07 6.16
C MET B 412 7.24 -24.21 6.91
N VAL B 413 5.95 -24.45 6.64
CA VAL B 413 4.90 -23.96 7.51
C VAL B 413 4.38 -25.16 8.31
N GLN B 414 4.21 -24.97 9.63
CA GLN B 414 3.80 -26.07 10.50
C GLN B 414 3.25 -25.47 11.79
N ALA B 415 2.48 -26.27 12.53
CA ALA B 415 1.69 -25.76 13.65
C ALA B 415 1.09 -26.92 14.44
N PHE B 416 0.50 -26.56 15.59
CA PHE B 416 -0.31 -27.44 16.41
C PHE B 416 -1.27 -26.57 17.22
N THR B 417 -2.23 -27.22 17.89
CA THR B 417 -3.22 -26.53 18.70
C THR B 417 -3.11 -27.04 20.13
N LEU B 418 -3.23 -26.12 21.09
CA LEU B 418 -3.36 -26.45 22.50
C LEU B 418 -4.84 -26.65 22.79
N VAL B 419 -5.15 -27.81 23.39
CA VAL B 419 -6.51 -28.27 23.62
C VAL B 419 -6.65 -28.64 25.10
N LYS B 420 -7.87 -28.55 25.63
CA LYS B 420 -8.15 -28.93 27.01
C LYS B 420 -8.00 -30.45 27.16
N ASN B 421 -8.62 -31.18 26.23
CA ASN B 421 -8.73 -32.63 26.29
C ASN B 421 -8.80 -33.19 24.87
N LYS B 422 -7.78 -33.95 24.47
CA LYS B 422 -7.66 -34.38 23.08
C LYS B 422 -8.77 -35.37 22.70
N ALA B 423 -9.26 -36.14 23.69
CA ALA B 423 -10.19 -37.23 23.43
C ALA B 423 -11.53 -36.66 22.95
N LYS B 424 -12.02 -35.64 23.68
CA LYS B 424 -13.28 -34.97 23.34
C LYS B 424 -13.06 -33.94 22.22
N ARG B 425 -11.80 -33.74 21.82
CA ARG B 425 -11.40 -32.67 20.92
C ARG B 425 -11.92 -31.34 21.47
N GLU B 426 -11.65 -31.10 22.76
CA GLU B 426 -12.20 -29.98 23.48
C GLU B 426 -11.15 -28.87 23.57
N LEU B 427 -11.56 -27.65 23.19
CA LEU B 427 -10.68 -26.49 23.22
C LEU B 427 -10.74 -25.85 24.61
N PHE B 428 -9.70 -25.08 24.96
CA PHE B 428 -9.69 -24.28 26.17
C PHE B 428 -10.74 -23.16 26.05
N PRO B 429 -11.28 -22.63 27.17
CA PRO B 429 -12.21 -21.49 27.09
C PRO B 429 -11.40 -20.22 26.83
N ASP B 430 -12.10 -19.14 26.45
CA ASP B 430 -11.44 -17.88 26.11
C ASP B 430 -10.24 -18.14 25.19
N PHE B 431 -10.50 -18.89 24.11
CA PHE B 431 -9.51 -19.24 23.10
C PHE B 431 -8.53 -18.07 22.94
N GLY B 432 -7.26 -18.31 23.28
CA GLY B 432 -6.23 -17.31 23.07
C GLY B 432 -5.46 -16.98 24.34
N GLU B 433 -6.13 -17.13 25.49
CA GLU B 433 -5.50 -16.84 26.78
C GLU B 433 -4.45 -17.89 27.08
N ILE B 434 -4.73 -19.14 26.71
CA ILE B 434 -3.82 -20.25 26.91
C ILE B 434 -2.68 -20.16 25.91
N GLY B 435 -2.99 -19.71 24.67
CA GLY B 435 -1.97 -19.49 23.66
C GLY B 435 -0.97 -18.41 24.09
N THR B 436 -1.49 -17.36 24.75
CA THR B 436 -0.67 -16.28 25.27
C THR B 436 0.35 -16.84 26.26
N LEU B 437 -0.14 -17.68 27.20
CA LEU B 437 0.66 -18.24 28.26
C LEU B 437 1.80 -19.07 27.68
N CYS B 438 1.49 -19.85 26.65
CA CYS B 438 2.51 -20.69 26.02
C CYS B 438 3.54 -19.84 25.30
N ARG B 439 3.07 -18.74 24.69
CA ARG B 439 3.91 -17.91 23.84
C ARG B 439 4.93 -17.16 24.69
N ASP B 440 4.46 -16.61 25.80
CA ASP B 440 5.29 -15.92 26.78
C ASP B 440 6.51 -16.78 27.15
N ILE B 441 6.29 -18.10 27.19
CA ILE B 441 7.29 -19.08 27.58
C ILE B 441 8.33 -19.22 26.47
N PHE B 442 7.88 -19.44 25.22
CA PHE B 442 8.78 -19.49 24.07
C PHE B 442 9.66 -18.25 24.05
N PHE B 443 9.08 -17.13 24.49
CA PHE B 443 9.68 -15.80 24.40
C PHE B 443 10.72 -15.63 25.52
N ARG B 444 10.33 -16.02 26.74
CA ARG B 444 11.22 -15.98 27.89
C ARG B 444 12.37 -16.96 27.72
N ASN B 445 12.29 -17.79 26.66
CA ASN B 445 13.28 -18.81 26.35
C ASN B 445 13.99 -18.49 25.02
N ASN B 446 13.75 -17.28 24.50
CA ASN B 446 14.47 -16.76 23.33
C ASN B 446 14.23 -17.63 22.09
N LEU B 447 12.98 -18.10 21.95
CA LEU B 447 12.51 -18.70 20.71
C LEU B 447 11.32 -17.90 20.17
N ILE B 448 11.31 -17.61 18.86
CA ILE B 448 10.19 -16.91 18.25
C ILE B 448 9.28 -17.90 17.52
N MET B 449 8.09 -18.08 18.10
CA MET B 449 6.95 -18.76 17.50
C MET B 449 5.70 -18.01 17.97
N ARG B 450 4.71 -17.84 17.08
CA ARG B 450 3.56 -16.99 17.36
C ARG B 450 2.36 -17.84 17.77
N ALA B 451 1.52 -17.26 18.64
CA ALA B 451 0.25 -17.84 19.07
C ALA B 451 -0.89 -17.12 18.38
N CYS B 452 -1.69 -17.86 17.59
CA CYS B 452 -2.91 -17.35 16.98
C CYS B 452 -4.09 -18.00 17.68
N GLY B 453 -4.68 -17.25 18.62
CA GLY B 453 -5.53 -17.86 19.63
C GLY B 453 -4.74 -18.90 20.42
N ASP B 454 -5.21 -20.15 20.38
CA ASP B 454 -4.57 -21.25 21.10
C ASP B 454 -3.73 -22.09 20.14
N HIS B 455 -3.75 -21.78 18.83
CA HIS B 455 -2.83 -22.41 17.89
C HIS B 455 -1.43 -21.87 18.11
N ILE B 456 -0.41 -22.70 17.85
CA ILE B 456 0.97 -22.27 17.86
C ILE B 456 1.51 -22.54 16.46
N VAL B 457 2.21 -21.56 15.88
CA VAL B 457 2.60 -21.64 14.49
C VAL B 457 4.07 -21.28 14.37
N SER B 458 4.71 -21.81 13.31
CA SER B 458 6.10 -21.59 12.96
C SER B 458 6.24 -21.57 11.44
N ALA B 459 7.06 -20.63 10.94
CA ALA B 459 7.41 -20.55 9.53
C ALA B 459 8.81 -19.95 9.45
N PRO B 460 9.86 -20.73 9.81
CA PRO B 460 11.23 -20.21 9.88
C PRO B 460 11.75 -19.93 8.48
N PRO B 461 12.89 -19.22 8.32
CA PRO B 461 13.49 -19.05 7.00
C PRO B 461 13.67 -20.41 6.33
N LEU B 462 13.66 -20.43 4.99
CA LEU B 462 13.64 -21.68 4.24
C LEU B 462 15.02 -22.33 4.21
N VAL B 463 16.05 -21.56 4.61
CA VAL B 463 17.44 -21.98 4.54
C VAL B 463 17.86 -22.62 5.86
N MET B 464 16.89 -22.79 6.78
CA MET B 464 17.14 -23.48 8.05
C MET B 464 17.75 -24.87 7.77
N THR B 465 18.71 -25.28 8.62
CA THR B 465 19.33 -26.60 8.53
C THR B 465 18.70 -27.58 9.52
N ARG B 466 18.98 -28.87 9.28
CA ARG B 466 18.58 -29.98 10.14
C ARG B 466 18.96 -29.71 11.60
N ALA B 467 20.17 -29.17 11.80
CA ALA B 467 20.67 -28.82 13.12
C ALA B 467 19.77 -27.78 13.77
N GLU B 468 19.52 -26.70 13.00
CA GLU B 468 18.73 -25.55 13.43
C GLU B 468 17.31 -26.02 13.75
N VAL B 469 16.79 -26.94 12.91
CA VAL B 469 15.50 -27.57 13.12
C VAL B 469 15.47 -28.23 14.51
N ASP B 470 16.43 -29.14 14.75
CA ASP B 470 16.45 -29.91 15.99
C ASP B 470 16.59 -28.96 17.18
N GLU B 471 17.37 -27.89 16.98
CA GLU B 471 17.73 -26.90 17.99
C GLU B 471 16.48 -26.14 18.44
N MET B 472 15.68 -25.73 17.46
CA MET B 472 14.42 -25.02 17.67
C MET B 472 13.48 -25.90 18.49
N LEU B 473 13.29 -27.14 18.00
CA LEU B 473 12.35 -28.09 18.55
C LEU B 473 12.72 -28.43 20.01
N ALA B 474 14.03 -28.56 20.24
CA ALA B 474 14.62 -28.73 21.56
C ALA B 474 14.04 -27.73 22.55
N VAL B 475 14.07 -26.44 22.17
CA VAL B 475 13.68 -25.37 23.08
C VAL B 475 12.16 -25.39 23.25
N ALA B 476 11.47 -25.73 22.14
CA ALA B 476 10.02 -25.80 22.13
C ALA B 476 9.54 -26.90 23.08
N GLU B 477 10.15 -28.08 22.93
CA GLU B 477 9.97 -29.23 23.81
C GLU B 477 9.97 -28.78 25.27
N ARG B 478 11.09 -28.17 25.70
CA ARG B 478 11.31 -27.74 27.07
C ARG B 478 10.17 -26.83 27.52
N CYS B 479 9.79 -25.90 26.62
CA CYS B 479 8.78 -24.89 26.92
C CYS B 479 7.43 -25.55 27.15
N LEU B 480 7.16 -26.62 26.41
CA LEU B 480 5.88 -27.33 26.49
C LEU B 480 5.79 -28.20 27.73
N GLU B 481 6.92 -28.84 28.10
CA GLU B 481 7.04 -29.50 29.38
C GLU B 481 6.62 -28.52 30.48
N GLU B 482 7.24 -27.33 30.44
CA GLU B 482 7.00 -26.26 31.40
C GLU B 482 5.54 -25.82 31.33
N PHE B 483 4.96 -25.88 30.12
CA PHE B 483 3.57 -25.53 29.90
C PHE B 483 2.65 -26.44 30.70
N GLU B 484 2.81 -27.77 30.50
CA GLU B 484 2.00 -28.77 31.17
C GLU B 484 2.02 -28.55 32.68
N GLN B 485 3.23 -28.32 33.22
CA GLN B 485 3.43 -28.14 34.66
C GLN B 485 2.62 -26.94 35.16
N THR B 486 2.83 -25.78 34.52
CA THR B 486 2.16 -24.54 34.91
C THR B 486 0.65 -24.70 34.77
N LEU B 487 0.25 -25.62 33.87
CA LEU B 487 -1.13 -25.97 33.63
C LEU B 487 -1.69 -26.71 34.85
N LYS B 488 -0.97 -27.74 35.30
CA LYS B 488 -1.30 -28.51 36.50
C LYS B 488 -1.21 -27.59 37.72
N ALA B 489 -0.12 -26.82 37.79
CA ALA B 489 0.16 -25.91 38.90
C ALA B 489 -0.99 -24.91 39.10
N ARG B 490 -1.77 -24.67 38.03
CA ARG B 490 -2.91 -23.76 38.10
C ARG B 490 -4.21 -24.55 38.24
N GLY B 491 -4.17 -25.84 37.86
CA GLY B 491 -5.37 -26.66 37.87
C GLY B 491 -6.24 -26.38 36.66
N LEU B 492 -5.60 -25.97 35.55
CA LEU B 492 -6.27 -25.72 34.29
C LEU B 492 -5.98 -26.87 33.33
N ALA B 493 -5.15 -27.82 33.80
CA ALA B 493 -4.80 -29.02 33.04
C ALA B 493 -5.99 -30.00 33.06
#